data_8HIN
#
_entry.id   8HIN
#
_cell.length_a   1.00
_cell.length_b   1.00
_cell.length_c   1.00
_cell.angle_alpha   90.00
_cell.angle_beta   90.00
_cell.angle_gamma   90.00
#
_symmetry.space_group_name_H-M   'P 1'
#
loop_
_entity.id
_entity.type
_entity.pdbx_description
1 polymer 'Sodium/glucose cotransporter 2'
2 polymer 'PDZK1-interacting protein 1'
3 non-polymer 2-acetamido-2-deoxy-beta-D-glucopyranose
4 non-polymer 1-[2-[(2S,3R,4S,5S,6R)-6-(hydroxymethyl)-3,4,5-tris(oxidanyl)oxan-2-yl]oxy-4,6-bis(oxidanyl)phenyl]-3-(4-hydroxyphenyl)propan-1-one
#
loop_
_entity_poly.entity_id
_entity_poly.type
_entity_poly.pdbx_seq_one_letter_code
_entity_poly.pdbx_strand_id
1 'polypeptide(L)'
;GPGSMEEHTEAGSAPEMGAQKALIDNPADILVIAAYFLLVIGVGLWSMCRTNRGTVGGYFLAGRSMVWWPVGASLFASNI
GSGHFVGLAGTGAASGLAVAGFEWNALFVVLLLGWLFAPVYLTAGVITMPQYLRKRFGGRRIRLYLSVLSLFLYIFTKIS
VDMFSGAVFIQQALGWNIYASVIALLGITMIYTVTGGLAALMYTDTVQTFVILGGACILMGYAFHEVGGYSGLFDKYLGA
ATSLTVSEDPAVGNISSFCYRPRPDSYHLLRHPVTGDLPWPALLLGLTIVSGWYWCSDQVIVQRCLAGKSLTHIKAGCIL
CGYLKLTPMFLMVMPGMISRILYPDEVACVVPEVCRRVCGTEVGCSNIAYPRLVVKLMPNGLRGLMLAVMLAALMSSLAS
IFNSSSTLFTMDIYTRLRPRAGDRELLLVGRLWVVFIVVVSVAWLPVVQAAQGGQLFDYIQAVSSYLAPPVSAVFVLALF
VPRVNEQGAFWGLIGGLLMGLARLIPEFSFGSGSCVQPSACPAFLCGVHYLYFAIVLFFCSGLLTLTVSLCTAPIPRKHL
HRLVFSLRHSKEEREDLDADEQQGSSLPVQNGCPESAMEMNEPQAPAPSLFRQCLLWFCGMSRGGVGSPPPLTQEEAAAA
ARRLEDISEDPSWARVVNLNALLMMAVAVFLWGFYA
;
A
2 'polypeptide(L)'
;MSALSLLILGLLTAVPPASCQQGLGNLQPWMQGLIAVAVFLVLVAIAFAVNHFWCQEEPEPAHMILTVGNKADGVLVGTD
GRYSSMAASFRSSEHENAYENVPEEEGKVRSTPM
;
B
#
loop_
_chem_comp.id
_chem_comp.type
_chem_comp.name
_chem_comp.formula
LN9 non-polymer 1-[2-[(2S,3R,4S,5S,6R)-6-(hydroxymethyl)-3,4,5-tris(oxidanyl)oxan-2-yl]oxy-4,6-bis(oxidanyl)phenyl]-3-(4-hydroxyphenyl)propan-1-one 'C21 H24 O10'
NAG D-saccharide, beta linking 2-acetamido-2-deoxy-beta-D-glucopyranose 'C8 H15 N O6'
#
# COMPACT_ATOMS: atom_id res chain seq x y z
N GLY A 18 10.76 -32.98 -8.47
CA GLY A 18 9.63 -33.04 -9.46
C GLY A 18 9.50 -31.74 -10.24
N ALA A 19 10.49 -31.42 -11.07
CA ALA A 19 10.51 -30.24 -11.96
C ALA A 19 11.42 -30.53 -13.15
N GLN A 20 10.96 -30.27 -14.39
CA GLN A 20 11.64 -30.62 -15.68
C GLN A 20 11.20 -29.68 -16.81
N LYS A 21 12.15 -29.20 -17.63
CA LYS A 21 11.92 -28.39 -18.89
C LYS A 21 10.79 -27.38 -18.66
N ALA A 22 10.90 -26.63 -17.57
CA ALA A 22 10.14 -25.41 -17.26
C ALA A 22 11.16 -24.28 -17.27
N LEU A 23 10.74 -23.06 -17.58
CA LEU A 23 11.64 -21.94 -17.96
C LEU A 23 12.57 -21.55 -16.80
N ILE A 24 12.30 -21.99 -15.57
CA ILE A 24 13.23 -21.89 -14.42
C ILE A 24 14.17 -23.12 -14.33
N ASP A 25 13.97 -24.21 -15.05
CA ASP A 25 14.70 -25.50 -14.81
C ASP A 25 15.93 -25.64 -15.74
N ASN A 26 16.34 -24.59 -16.45
CA ASN A 26 17.67 -24.56 -17.11
C ASN A 26 18.64 -23.91 -16.12
N PRO A 27 19.79 -24.56 -15.79
CA PRO A 27 20.59 -24.18 -14.61
C PRO A 27 21.35 -22.85 -14.61
N ALA A 28 21.30 -22.05 -15.68
CA ALA A 28 21.70 -20.62 -15.66
C ALA A 28 21.00 -19.94 -14.48
N ASP A 29 19.66 -19.93 -14.50
CA ASP A 29 18.72 -19.30 -13.52
C ASP A 29 18.76 -19.99 -12.15
N ILE A 30 19.02 -21.30 -12.12
CA ILE A 30 19.14 -22.08 -10.85
C ILE A 30 20.38 -21.58 -10.11
N LEU A 31 21.51 -21.47 -10.82
CA LEU A 31 22.80 -20.98 -10.27
C LEU A 31 22.61 -19.55 -9.75
N VAL A 32 21.95 -18.69 -10.52
CA VAL A 32 21.73 -17.26 -10.17
C VAL A 32 20.83 -17.16 -8.94
N ILE A 33 19.78 -17.99 -8.80
CA ILE A 33 18.85 -17.87 -7.64
C ILE A 33 19.61 -18.32 -6.40
N ALA A 34 20.31 -19.46 -6.52
CA ALA A 34 21.08 -20.08 -5.42
C ALA A 34 22.16 -19.12 -4.93
N ALA A 35 22.88 -18.50 -5.85
CA ALA A 35 23.96 -17.55 -5.56
C ALA A 35 23.44 -16.36 -4.76
N TYR A 36 22.28 -15.84 -5.10
CA TYR A 36 21.75 -14.63 -4.42
C TYR A 36 21.27 -15.01 -3.02
N PHE A 37 20.55 -16.11 -2.83
CA PHE A 37 20.13 -16.50 -1.44
C PHE A 37 21.31 -17.10 -0.69
N LEU A 38 22.47 -17.39 -1.30
CA LEU A 38 23.73 -17.61 -0.53
C LEU A 38 24.34 -16.25 -0.18
N LEU A 39 24.25 -15.25 -1.05
CA LEU A 39 24.91 -13.93 -0.80
C LEU A 39 24.13 -13.18 0.25
N VAL A 40 22.81 -13.38 0.35
CA VAL A 40 21.98 -12.68 1.39
C VAL A 40 22.30 -13.30 2.74
N ILE A 41 22.47 -14.63 2.83
CA ILE A 41 22.86 -15.27 4.13
C ILE A 41 24.32 -14.87 4.42
N GLY A 42 25.17 -14.67 3.39
CA GLY A 42 26.55 -14.13 3.50
C GLY A 42 26.60 -12.77 4.15
N VAL A 43 25.84 -11.80 3.67
CA VAL A 43 25.71 -10.45 4.28
C VAL A 43 25.15 -10.63 5.69
N GLY A 44 24.34 -11.64 5.91
CA GLY A 44 23.70 -11.78 7.21
C GLY A 44 24.62 -12.36 8.25
N LEU A 45 25.38 -13.40 7.96
CA LEU A 45 26.20 -13.96 9.05
C LEU A 45 27.36 -13.01 9.34
N TRP A 46 27.81 -12.31 8.32
CA TRP A 46 28.83 -11.25 8.42
C TRP A 46 28.28 -10.30 9.41
N SER A 47 27.07 -9.80 9.15
CA SER A 47 26.38 -8.81 10.01
C SER A 47 26.30 -9.34 11.43
N MET A 48 25.94 -10.61 11.61
CA MET A 48 25.87 -11.12 12.99
C MET A 48 27.24 -10.99 13.64
N CYS A 49 28.33 -11.32 12.97
CA CYS A 49 29.62 -11.36 13.73
C CYS A 49 30.27 -9.97 13.79
N ARG A 50 29.93 -9.07 12.86
CA ARG A 50 30.63 -7.78 12.65
C ARG A 50 30.45 -6.85 13.84
N THR A 51 29.24 -6.27 13.99
CA THR A 51 28.90 -5.06 14.80
C THR A 51 30.03 -4.00 14.83
N GLY A 63 16.62 10.25 12.47
CA GLY A 63 16.20 11.56 13.04
C GLY A 63 16.87 12.73 12.34
N ARG A 64 18.10 12.52 11.95
CA ARG A 64 18.89 13.51 11.21
C ARG A 64 19.92 12.76 10.41
N SER A 65 20.73 13.47 9.62
CA SER A 65 21.91 12.87 8.93
C SER A 65 21.60 12.26 7.56
N MET A 66 20.35 12.19 7.12
CA MET A 66 20.08 11.58 5.80
C MET A 66 19.68 12.84 5.11
N VAL A 67 19.89 12.91 3.83
CA VAL A 67 19.88 14.17 3.05
C VAL A 67 18.68 14.06 2.11
N TRP A 68 18.39 15.10 1.34
CA TRP A 68 17.18 15.14 0.49
C TRP A 68 17.13 13.85 -0.29
N TRP A 69 18.16 13.56 -1.06
CA TRP A 69 18.01 12.46 -2.04
C TRP A 69 17.82 11.17 -1.30
N PRO A 70 18.63 10.78 -0.33
CA PRO A 70 18.45 9.43 0.16
C PRO A 70 17.08 9.39 0.80
N VAL A 71 16.57 10.41 1.46
CA VAL A 71 15.31 10.16 2.23
C VAL A 71 14.12 10.21 1.27
N GLY A 72 14.28 10.74 0.06
CA GLY A 72 13.21 10.63 -0.94
C GLY A 72 13.12 9.21 -1.43
N ALA A 73 14.25 8.58 -1.65
CA ALA A 73 14.37 7.27 -2.31
C ALA A 73 13.90 6.16 -1.38
N SER A 74 13.98 6.40 -0.08
CA SER A 74 13.52 5.42 0.93
C SER A 74 11.99 5.40 0.93
N LEU A 75 11.36 6.55 0.69
CA LEU A 75 9.87 6.62 0.63
C LEU A 75 9.42 5.79 -0.57
N PHE A 76 10.05 6.02 -1.73
CA PHE A 76 9.77 5.26 -2.93
C PHE A 76 9.78 3.77 -2.66
N ALA A 77 10.80 3.29 -2.06
CA ALA A 77 11.03 1.87 -2.12
C ALA A 77 10.29 1.20 -1.01
N SER A 78 9.86 2.07 -0.10
CA SER A 78 8.99 1.67 1.03
C SER A 78 7.73 1.09 0.37
N ASN A 79 7.31 1.65 -0.76
CA ASN A 79 6.15 1.02 -1.44
C ASN A 79 6.33 0.34 -2.86
N ILE A 80 7.34 -0.49 -3.16
CA ILE A 80 7.64 -1.16 -4.48
C ILE A 80 7.70 -2.68 -4.21
N GLY A 81 6.92 -3.19 -3.28
CA GLY A 81 7.08 -4.61 -2.90
C GLY A 81 6.35 -5.63 -3.74
N SER A 82 7.06 -6.66 -4.23
CA SER A 82 6.41 -7.79 -4.93
C SER A 82 4.86 -7.80 -4.78
N GLY A 83 4.29 -7.52 -3.60
CA GLY A 83 2.83 -7.38 -3.47
C GLY A 83 2.23 -6.29 -4.37
N HIS A 84 2.99 -5.20 -4.57
CA HIS A 84 2.63 -4.05 -5.41
C HIS A 84 2.73 -4.51 -6.85
N PHE A 85 3.80 -5.19 -7.23
CA PHE A 85 4.06 -5.62 -8.63
C PHE A 85 2.92 -6.54 -8.99
N VAL A 86 2.63 -7.48 -8.12
CA VAL A 86 1.59 -8.51 -8.38
C VAL A 86 0.31 -7.80 -8.68
N GLY A 87 -0.07 -6.95 -7.77
CA GLY A 87 -1.46 -6.49 -7.67
C GLY A 87 -1.71 -5.43 -8.67
N LEU A 88 -0.75 -4.55 -8.81
CA LEU A 88 -0.89 -3.35 -9.65
C LEU A 88 -0.77 -3.83 -11.11
N ALA A 89 0.21 -4.66 -11.48
CA ALA A 89 0.18 -5.32 -12.80
C ALA A 89 -1.11 -6.14 -13.03
N GLY A 90 -1.52 -6.95 -12.06
CA GLY A 90 -2.68 -7.83 -12.19
C GLY A 90 -3.91 -7.02 -12.56
N THR A 91 -4.10 -5.91 -11.85
CA THR A 91 -5.31 -5.06 -11.98
C THR A 91 -5.16 -4.26 -13.24
N GLY A 92 -3.91 -4.03 -13.67
CA GLY A 92 -3.57 -3.53 -15.02
C GLY A 92 -4.12 -4.46 -16.07
N ALA A 93 -3.79 -5.73 -15.94
CA ALA A 93 -4.27 -6.78 -16.87
C ALA A 93 -5.82 -6.82 -16.86
N ALA A 94 -6.47 -6.77 -15.70
CA ALA A 94 -7.95 -6.81 -15.57
C ALA A 94 -8.67 -5.54 -16.05
N SER A 95 -8.28 -4.38 -15.61
CA SER A 95 -9.07 -3.13 -15.73
C SER A 95 -8.45 -2.11 -16.69
N GLY A 96 -7.27 -2.30 -17.24
CA GLY A 96 -6.65 -1.28 -18.12
C GLY A 96 -5.68 -0.41 -17.38
N LEU A 97 -5.78 0.89 -17.57
CA LEU A 97 -4.78 1.83 -16.99
C LEU A 97 -5.17 2.44 -15.62
N ALA A 98 -6.39 2.40 -15.07
CA ALA A 98 -6.82 3.31 -13.97
C ALA A 98 -6.34 2.96 -12.52
N VAL A 99 -5.82 1.75 -12.27
CA VAL A 99 -5.02 1.51 -11.03
C VAL A 99 -3.77 2.43 -11.01
N ALA A 100 -3.28 2.88 -12.15
CA ALA A 100 -2.17 3.85 -12.19
C ALA A 100 -2.58 5.15 -11.50
N GLY A 101 -3.88 5.44 -11.55
CA GLY A 101 -4.51 6.50 -10.75
C GLY A 101 -4.06 6.41 -9.33
N PHE A 102 -3.98 5.20 -8.83
CA PHE A 102 -3.62 4.94 -7.42
C PHE A 102 -2.34 5.63 -7.11
N GLU A 103 -1.40 5.37 -8.00
CA GLU A 103 -0.04 5.81 -7.73
C GLU A 103 0.00 7.31 -7.84
N TRP A 104 -0.75 7.90 -8.74
CA TRP A 104 -0.62 9.36 -8.97
C TRP A 104 -1.39 10.10 -7.89
N ASN A 105 -2.26 9.44 -7.10
CA ASN A 105 -2.80 10.01 -5.84
C ASN A 105 -1.74 10.00 -4.80
N ALA A 106 -0.78 9.09 -4.92
CA ALA A 106 0.18 8.82 -3.85
C ALA A 106 1.09 10.02 -3.80
N LEU A 107 1.43 10.57 -4.95
CA LEU A 107 2.45 11.64 -4.91
C LEU A 107 1.82 12.91 -4.36
N PHE A 108 0.54 13.18 -4.62
CA PHE A 108 -0.06 14.36 -3.94
C PHE A 108 -0.07 14.05 -2.43
N VAL A 109 -0.42 12.85 -1.99
CA VAL A 109 -0.45 12.53 -0.53
C VAL A 109 0.96 12.63 0.01
N VAL A 110 2.00 12.19 -0.69
CA VAL A 110 3.38 12.22 -0.07
C VAL A 110 3.74 13.67 0.08
N LEU A 111 3.33 14.51 -0.87
CA LEU A 111 3.63 15.94 -0.69
C LEU A 111 3.02 16.41 0.61
N LEU A 112 1.77 16.15 0.80
CA LEU A 112 1.05 16.50 2.05
C LEU A 112 1.62 15.76 3.30
N LEU A 113 2.29 14.59 3.22
CA LEU A 113 3.17 14.14 4.36
C LEU A 113 4.26 15.18 4.60
N GLY A 114 5.03 15.42 3.56
CA GLY A 114 6.18 16.33 3.58
C GLY A 114 5.83 17.73 4.05
N TRP A 115 4.59 18.17 3.89
CA TRP A 115 4.19 19.53 4.31
C TRP A 115 3.29 19.56 5.53
N LEU A 116 2.48 18.56 5.83
CA LEU A 116 1.42 18.68 6.88
C LEU A 116 1.73 17.69 8.02
N PHE A 117 1.88 16.42 7.72
CA PHE A 117 2.03 15.35 8.73
C PHE A 117 3.49 15.21 9.22
N ALA A 118 4.46 15.75 8.49
CA ALA A 118 5.89 15.69 8.84
C ALA A 118 6.21 16.83 9.77
N PRO A 119 5.82 18.10 9.53
CA PRO A 119 5.99 19.13 10.55
C PRO A 119 5.37 18.79 11.91
N VAL A 120 4.17 18.22 11.92
CA VAL A 120 3.44 17.97 13.18
C VAL A 120 4.22 17.00 14.07
N TYR A 121 4.68 15.87 13.54
CA TYR A 121 5.55 14.95 14.33
C TYR A 121 6.86 15.66 14.74
N LEU A 122 7.33 16.65 13.98
CA LEU A 122 8.52 17.44 14.40
C LEU A 122 8.15 18.41 15.53
N THR A 123 7.03 19.12 15.44
CA THR A 123 6.65 20.15 16.46
C THR A 123 6.25 19.47 17.78
N ALA A 124 5.52 18.36 17.70
CA ALA A 124 4.93 17.68 18.87
C ALA A 124 6.03 16.98 19.68
N GLY A 125 7.17 16.63 19.07
CA GLY A 125 8.24 15.85 19.74
C GLY A 125 8.04 14.35 19.66
N VAL A 126 7.10 13.88 18.83
CA VAL A 126 6.70 12.46 18.68
C VAL A 126 7.32 11.90 17.39
N ILE A 127 7.17 10.59 17.22
CA ILE A 127 7.52 9.84 15.99
C ILE A 127 6.24 9.16 15.50
N THR A 128 5.73 8.20 16.26
CA THR A 128 4.51 7.41 15.89
C THR A 128 3.24 8.29 16.00
N MET A 129 2.19 8.05 15.22
CA MET A 129 0.83 8.65 15.44
C MET A 129 0.19 8.08 16.70
N PRO A 130 0.35 6.81 17.11
CA PRO A 130 0.16 6.46 18.52
C PRO A 130 0.81 7.38 19.58
N GLN A 131 2.07 7.84 19.38
CA GLN A 131 2.73 8.80 20.33
C GLN A 131 1.99 10.14 20.27
N TYR A 132 1.55 10.55 19.08
CA TYR A 132 0.78 11.80 18.93
C TYR A 132 -0.59 11.68 19.61
N LEU A 133 -1.27 10.53 19.47
CA LEU A 133 -2.64 10.42 20.02
C LEU A 133 -2.53 10.12 21.50
N ARG A 134 -1.35 9.74 22.01
CA ARG A 134 -1.14 9.66 23.47
C ARG A 134 -0.97 11.08 24.02
N LYS A 135 -0.23 11.95 23.31
CA LYS A 135 -0.06 13.34 23.79
C LYS A 135 -1.35 14.12 23.59
N ARG A 136 -2.21 13.78 22.62
CA ARG A 136 -3.31 14.69 22.18
C ARG A 136 -4.56 14.46 22.99
N PHE A 137 -4.95 13.21 23.21
CA PHE A 137 -6.17 12.86 23.99
C PHE A 137 -5.83 12.35 25.39
N GLY A 138 -4.83 11.47 25.56
CA GLY A 138 -4.29 11.13 26.89
C GLY A 138 -4.47 9.69 27.36
N GLY A 139 -5.66 9.10 27.19
CA GLY A 139 -5.97 7.80 27.84
C GLY A 139 -5.16 6.64 27.27
N ARG A 140 -5.07 5.52 28.00
CA ARG A 140 -4.48 4.26 27.45
C ARG A 140 -5.40 3.54 26.42
N ARG A 141 -6.69 3.91 26.34
CA ARG A 141 -7.73 3.30 25.46
C ARG A 141 -7.39 3.44 23.97
N ILE A 142 -7.06 4.64 23.50
CA ILE A 142 -6.83 4.86 22.05
C ILE A 142 -5.52 4.17 21.65
N ARG A 143 -4.49 4.21 22.48
CA ARG A 143 -3.27 3.42 22.15
C ARG A 143 -3.65 1.94 22.02
N LEU A 144 -4.44 1.41 22.98
CA LEU A 144 -4.83 -0.03 23.03
C LEU A 144 -5.54 -0.38 21.71
N TYR A 145 -6.51 0.42 21.31
CA TYR A 145 -7.40 0.18 20.16
C TYR A 145 -6.63 0.22 18.85
N LEU A 146 -5.87 1.28 18.60
CA LEU A 146 -5.03 1.35 17.38
C LEU A 146 -4.05 0.19 17.34
N SER A 147 -3.62 -0.28 18.49
CA SER A 147 -2.65 -1.37 18.51
C SER A 147 -3.38 -2.63 18.01
N VAL A 148 -4.59 -2.84 18.45
CA VAL A 148 -5.32 -4.07 18.07
C VAL A 148 -5.72 -3.98 16.59
N LEU A 149 -6.12 -2.78 16.15
CA LEU A 149 -6.39 -2.45 14.71
C LEU A 149 -5.15 -2.70 13.86
N SER A 150 -3.97 -2.33 14.35
CA SER A 150 -2.71 -2.54 13.58
C SER A 150 -2.40 -4.03 13.50
N LEU A 151 -2.76 -4.82 14.51
CA LEU A 151 -2.56 -6.28 14.39
C LEU A 151 -3.45 -6.83 13.28
N PHE A 152 -4.67 -6.36 13.15
CA PHE A 152 -5.59 -6.89 12.14
C PHE A 152 -5.14 -6.40 10.77
N LEU A 153 -4.57 -5.20 10.66
CA LEU A 153 -4.13 -4.70 9.33
C LEU A 153 -2.72 -5.18 9.02
N TYR A 154 -2.05 -5.96 9.86
CA TYR A 154 -0.83 -6.66 9.41
C TYR A 154 -1.25 -8.06 9.03
N ILE A 155 -2.24 -8.67 9.69
CA ILE A 155 -2.69 -10.05 9.35
C ILE A 155 -3.44 -9.98 8.03
N PHE A 156 -4.36 -9.04 7.89
CA PHE A 156 -5.14 -8.88 6.64
C PHE A 156 -4.34 -8.27 5.49
N THR A 157 -3.50 -7.27 5.70
CA THR A 157 -3.05 -6.34 4.65
C THR A 157 -1.57 -6.57 4.31
N LYS A 158 -0.73 -6.98 5.25
CA LYS A 158 0.74 -7.08 4.99
C LYS A 158 1.11 -8.55 4.94
N ILE A 159 0.91 -9.34 5.99
CA ILE A 159 1.44 -10.73 6.07
C ILE A 159 0.75 -11.63 5.04
N SER A 160 -0.57 -11.67 5.06
CA SER A 160 -1.32 -12.53 4.11
C SER A 160 -1.11 -12.09 2.66
N VAL A 161 -1.09 -10.79 2.35
CA VAL A 161 -0.77 -10.27 0.97
C VAL A 161 0.66 -10.69 0.52
N ASP A 162 1.67 -10.63 1.39
CA ASP A 162 3.09 -11.01 1.08
C ASP A 162 3.22 -12.51 0.89
N MET A 163 2.55 -13.28 1.71
CA MET A 163 2.58 -14.74 1.57
C MET A 163 1.97 -15.07 0.24
N PHE A 164 0.86 -14.43 -0.06
CA PHE A 164 0.11 -14.72 -1.30
C PHE A 164 0.95 -14.38 -2.51
N SER A 165 1.64 -13.26 -2.48
CA SER A 165 2.46 -12.79 -3.64
C SER A 165 3.61 -13.77 -3.84
N GLY A 166 4.15 -14.32 -2.77
CA GLY A 166 5.19 -15.33 -2.93
C GLY A 166 4.63 -16.55 -3.63
N ALA A 167 3.51 -17.04 -3.12
CA ALA A 167 2.78 -18.21 -3.66
C ALA A 167 2.62 -18.04 -5.18
N VAL A 168 2.28 -16.85 -5.64
CA VAL A 168 1.89 -16.61 -7.06
C VAL A 168 3.15 -16.75 -7.90
N PHE A 169 4.18 -15.98 -7.53
CA PHE A 169 5.49 -15.94 -8.24
C PHE A 169 5.90 -17.40 -8.35
N ILE A 170 6.02 -18.08 -7.23
CA ILE A 170 6.42 -19.51 -7.18
C ILE A 170 5.49 -20.27 -8.12
N GLN A 171 4.19 -20.35 -7.95
CA GLN A 171 3.38 -21.11 -8.94
C GLN A 171 3.84 -20.79 -10.38
N GLN A 172 3.84 -19.54 -10.81
CA GLN A 172 4.06 -19.33 -12.27
C GLN A 172 5.43 -19.91 -12.66
N ALA A 173 6.45 -19.70 -11.83
CA ALA A 173 7.79 -20.31 -11.99
C ALA A 173 7.79 -21.85 -11.93
N LEU A 174 7.39 -22.47 -10.85
CA LEU A 174 7.48 -23.94 -10.71
C LEU A 174 6.10 -24.37 -10.37
N GLY A 175 5.27 -24.91 -11.24
CA GLY A 175 3.86 -25.16 -10.87
C GLY A 175 3.80 -25.74 -9.46
N TRP A 176 3.16 -25.08 -8.50
CA TRP A 176 3.04 -25.59 -7.12
C TRP A 176 1.80 -24.98 -6.51
N ASN A 177 1.04 -25.73 -5.71
CA ASN A 177 -0.16 -25.22 -4.99
C ASN A 177 0.22 -24.01 -4.19
N ILE A 178 -0.77 -23.26 -3.80
CA ILE A 178 -0.56 -22.13 -2.86
C ILE A 178 0.08 -22.64 -1.55
N TYR A 179 -0.45 -23.74 -0.98
CA TYR A 179 -0.08 -24.22 0.37
C TYR A 179 1.39 -24.67 0.30
N ALA A 180 1.78 -25.52 -0.62
CA ALA A 180 3.19 -25.93 -0.74
C ALA A 180 4.12 -24.72 -0.92
N SER A 181 3.72 -23.75 -1.74
CA SER A 181 4.54 -22.54 -2.00
C SER A 181 4.76 -21.74 -0.72
N VAL A 182 3.75 -21.59 0.14
CA VAL A 182 3.94 -20.81 1.39
C VAL A 182 4.73 -21.65 2.38
N ILE A 183 4.58 -22.95 2.35
CA ILE A 183 5.46 -23.78 3.19
C ILE A 183 6.87 -23.33 2.84
N ALA A 184 7.20 -23.25 1.56
CA ALA A 184 8.59 -22.89 1.19
C ALA A 184 8.92 -21.43 1.50
N LEU A 185 7.99 -20.50 1.30
CA LEU A 185 8.34 -19.08 1.47
C LEU A 185 8.56 -18.86 2.96
N LEU A 186 7.91 -19.64 3.82
CA LEU A 186 8.12 -19.49 5.27
C LEU A 186 9.39 -20.22 5.69
N GLY A 187 9.79 -21.31 5.03
CA GLY A 187 11.04 -22.05 5.34
C GLY A 187 12.27 -21.18 5.17
N ILE A 188 12.41 -20.61 3.98
CA ILE A 188 13.50 -19.64 3.64
C ILE A 188 13.35 -18.39 4.52
N THR A 189 12.14 -17.99 4.94
CA THR A 189 11.92 -16.77 5.77
C THR A 189 12.48 -17.01 7.15
N MET A 190 12.19 -18.17 7.75
CA MET A 190 12.72 -18.54 9.09
C MET A 190 14.25 -18.57 9.04
N ILE A 191 14.86 -19.12 7.98
CA ILE A 191 16.35 -19.17 7.90
C ILE A 191 16.94 -17.85 7.37
N TYR A 192 16.13 -16.86 6.99
CA TYR A 192 16.57 -15.45 6.85
C TYR A 192 16.69 -14.82 8.22
N THR A 193 15.71 -15.04 9.09
CA THR A 193 15.58 -14.31 10.37
C THR A 193 16.68 -14.75 11.33
N VAL A 194 16.91 -16.07 11.44
CA VAL A 194 17.81 -16.66 12.47
C VAL A 194 19.26 -16.54 12.02
N THR A 195 19.53 -16.40 10.72
CA THR A 195 20.91 -16.18 10.21
C THR A 195 21.06 -14.70 9.83
N GLY A 196 21.24 -13.84 10.82
CA GLY A 196 21.40 -12.38 10.67
C GLY A 196 20.08 -11.73 10.32
N GLY A 197 19.87 -11.39 9.06
CA GLY A 197 18.57 -11.08 8.48
C GLY A 197 18.27 -9.61 8.62
N LEU A 198 17.52 -9.29 9.66
CA LEU A 198 17.01 -7.94 9.91
C LEU A 198 18.15 -7.07 10.44
N ALA A 199 19.22 -7.67 10.97
CA ALA A 199 20.45 -6.94 11.38
C ALA A 199 21.12 -6.35 10.14
N ALA A 200 21.42 -7.22 9.17
CA ALA A 200 22.00 -6.87 7.86
C ALA A 200 20.87 -6.48 6.93
N LEU A 201 20.29 -5.32 7.17
CA LEU A 201 19.15 -4.84 6.35
C LEU A 201 19.67 -3.81 5.38
N MET A 202 20.38 -2.79 5.86
CA MET A 202 20.70 -1.55 5.10
C MET A 202 21.45 -1.94 3.82
N TYR A 203 22.41 -2.87 3.96
CA TYR A 203 23.19 -3.45 2.84
C TYR A 203 22.22 -4.17 1.89
N THR A 204 21.46 -5.16 2.40
CA THR A 204 20.52 -5.98 1.58
C THR A 204 19.40 -5.14 0.96
N ASP A 205 18.85 -4.20 1.69
CA ASP A 205 17.70 -3.39 1.23
C ASP A 205 18.18 -2.50 0.09
N THR A 206 19.35 -1.90 0.22
CA THR A 206 19.90 -1.06 -0.88
C THR A 206 20.09 -1.93 -2.12
N VAL A 207 20.71 -3.11 -1.99
CA VAL A 207 21.03 -3.94 -3.18
C VAL A 207 19.74 -4.57 -3.77
N GLN A 208 18.78 -5.05 -2.96
CA GLN A 208 17.48 -5.62 -3.44
C GLN A 208 16.71 -4.59 -4.26
N THR A 209 16.65 -3.37 -3.76
CA THR A 209 15.86 -2.30 -4.41
C THR A 209 16.53 -1.88 -5.71
N PHE A 210 17.86 -1.78 -5.71
CA PHE A 210 18.60 -1.40 -6.94
C PHE A 210 18.26 -2.42 -8.01
N VAL A 211 18.38 -3.70 -7.72
CA VAL A 211 18.20 -4.73 -8.77
C VAL A 211 16.70 -5.04 -9.05
N ILE A 212 15.74 -4.76 -8.17
CA ILE A 212 14.29 -4.80 -8.48
C ILE A 212 14.02 -3.74 -9.54
N LEU A 213 14.45 -2.49 -9.33
CA LEU A 213 14.14 -1.39 -10.29
C LEU A 213 14.91 -1.64 -11.57
N GLY A 214 16.14 -2.12 -11.48
CA GLY A 214 16.87 -2.57 -12.67
C GLY A 214 16.10 -3.62 -13.45
N GLY A 215 15.80 -4.75 -12.81
CA GLY A 215 15.06 -5.89 -13.37
C GLY A 215 13.75 -5.47 -14.00
N ALA A 216 13.05 -4.57 -13.32
CA ALA A 216 11.72 -4.07 -13.70
C ALA A 216 11.86 -3.30 -14.99
N CYS A 217 12.90 -2.44 -15.10
CA CYS A 217 13.20 -1.64 -16.34
C CYS A 217 13.57 -2.54 -17.55
N ILE A 218 14.37 -3.56 -17.33
CA ILE A 218 14.76 -4.53 -18.39
C ILE A 218 13.51 -5.26 -18.83
N LEU A 219 12.66 -5.70 -17.87
CA LEU A 219 11.53 -6.63 -18.22
C LEU A 219 10.47 -5.79 -18.91
N MET A 220 10.22 -4.58 -18.44
CA MET A 220 9.35 -3.60 -19.15
C MET A 220 9.81 -3.48 -20.61
N GLY A 221 11.11 -3.40 -20.83
CA GLY A 221 11.70 -3.19 -22.16
C GLY A 221 11.39 -4.34 -23.05
N TYR A 222 11.52 -5.52 -22.47
CA TYR A 222 11.25 -6.79 -23.15
C TYR A 222 9.76 -6.91 -23.46
N ALA A 223 8.88 -6.49 -22.55
CA ALA A 223 7.40 -6.56 -22.71
C ALA A 223 7.02 -5.65 -23.87
N PHE A 224 7.55 -4.44 -23.87
CA PHE A 224 7.17 -3.52 -24.94
C PHE A 224 7.81 -4.00 -26.25
N HIS A 225 8.94 -4.71 -26.23
CA HIS A 225 9.49 -5.29 -27.50
C HIS A 225 8.54 -6.34 -28.03
N GLU A 226 8.04 -7.19 -27.14
CA GLU A 226 7.31 -8.42 -27.56
C GLU A 226 5.97 -8.02 -28.14
N VAL A 227 5.30 -7.04 -27.52
CA VAL A 227 4.00 -6.55 -28.04
C VAL A 227 4.22 -5.74 -29.32
N GLY A 228 5.41 -5.22 -29.57
CA GLY A 228 5.72 -4.43 -30.78
C GLY A 228 5.53 -2.95 -30.48
N GLY A 229 6.21 -2.50 -29.43
CA GLY A 229 6.39 -1.09 -29.07
C GLY A 229 5.34 -0.61 -28.08
N TYR A 230 5.19 0.70 -28.04
CA TYR A 230 4.17 1.45 -27.30
C TYR A 230 2.93 1.45 -28.18
N SER A 231 3.09 1.71 -29.47
CA SER A 231 1.95 1.74 -30.41
C SER A 231 1.29 0.35 -30.42
N GLY A 232 2.12 -0.68 -30.38
CA GLY A 232 1.68 -2.06 -30.25
C GLY A 232 0.78 -2.30 -29.05
N LEU A 233 1.17 -1.83 -27.86
CA LEU A 233 0.40 -2.08 -26.60
C LEU A 233 -0.95 -1.47 -26.82
N PHE A 234 -0.97 -0.22 -27.29
CA PHE A 234 -2.24 0.57 -27.40
C PHE A 234 -3.09 0.02 -28.54
N ASP A 235 -2.51 -0.41 -29.66
CA ASP A 235 -3.35 -0.95 -30.76
C ASP A 235 -3.78 -2.40 -30.47
N LYS A 236 -3.25 -3.10 -29.45
CA LYS A 236 -3.50 -4.56 -29.27
C LYS A 236 -4.27 -4.93 -27.99
N TYR A 237 -4.40 -4.07 -27.00
CA TYR A 237 -4.96 -4.48 -25.68
C TYR A 237 -6.47 -4.59 -25.71
N LEU A 238 -7.12 -3.74 -26.49
CA LEU A 238 -8.60 -3.61 -26.43
C LEU A 238 -9.24 -4.78 -27.17
N GLY A 239 -8.47 -5.56 -27.95
CA GLY A 239 -8.90 -6.83 -28.54
C GLY A 239 -8.36 -8.07 -27.85
N ALA A 240 -7.53 -7.93 -26.83
CA ALA A 240 -6.84 -9.06 -26.18
C ALA A 240 -7.79 -9.73 -25.22
N ALA A 241 -8.51 -10.73 -25.71
CA ALA A 241 -9.54 -11.45 -24.92
C ALA A 241 -9.42 -12.90 -25.25
N THR A 242 -10.01 -13.73 -24.42
CA THR A 242 -9.68 -15.17 -24.51
C THR A 242 -10.61 -15.81 -25.54
N SER A 243 -10.18 -16.98 -26.00
CA SER A 243 -10.87 -17.83 -26.99
C SER A 243 -11.80 -18.83 -26.29
N LEU A 244 -11.57 -19.15 -25.00
CA LEU A 244 -12.37 -20.19 -24.29
C LEU A 244 -13.48 -19.50 -23.49
N THR A 245 -14.72 -19.46 -24.01
CA THR A 245 -15.82 -18.69 -23.37
C THR A 245 -17.06 -19.55 -23.06
N VAL A 246 -16.92 -20.85 -22.79
CA VAL A 246 -18.05 -21.77 -22.46
C VAL A 246 -17.57 -22.75 -21.41
N SER A 247 -18.49 -23.08 -20.52
CA SER A 247 -18.31 -23.88 -19.28
C SER A 247 -19.05 -25.19 -19.45
N GLU A 248 -18.38 -26.30 -19.10
CA GLU A 248 -18.99 -27.65 -18.97
C GLU A 248 -20.18 -27.59 -17.99
N ASP A 249 -20.02 -26.88 -16.87
CA ASP A 249 -21.06 -26.72 -15.81
C ASP A 249 -22.16 -25.82 -16.34
N PRO A 250 -23.42 -26.29 -16.58
CA PRO A 250 -24.50 -25.38 -16.97
C PRO A 250 -24.97 -24.55 -15.76
N ALA A 251 -25.68 -23.47 -16.00
CA ALA A 251 -25.98 -22.51 -14.91
C ALA A 251 -25.04 -21.34 -15.19
N VAL A 252 -23.75 -21.65 -15.40
CA VAL A 252 -22.81 -20.59 -15.87
C VAL A 252 -23.28 -20.16 -17.27
N GLY A 253 -23.37 -21.16 -18.15
CA GLY A 253 -23.91 -21.02 -19.51
C GLY A 253 -22.86 -20.57 -20.52
N ASN A 254 -23.35 -20.01 -21.63
CA ASN A 254 -22.59 -19.26 -22.66
C ASN A 254 -22.24 -17.92 -22.02
N ILE A 255 -20.97 -17.73 -21.62
CA ILE A 255 -20.50 -16.53 -20.85
C ILE A 255 -20.62 -15.30 -21.73
N SER A 256 -21.13 -14.19 -21.14
CA SER A 256 -21.40 -12.92 -21.88
C SER A 256 -20.09 -12.28 -22.29
N SER A 257 -20.10 -11.54 -23.40
CA SER A 257 -18.94 -10.79 -23.93
C SER A 257 -18.72 -9.53 -23.10
N PHE A 258 -19.66 -9.12 -22.23
CA PHE A 258 -19.44 -8.01 -21.26
C PHE A 258 -18.19 -8.29 -20.41
N CYS A 259 -18.01 -9.55 -20.01
CA CYS A 259 -17.13 -10.05 -18.94
C CYS A 259 -15.76 -10.44 -19.46
N TYR A 260 -15.67 -11.03 -20.65
CA TYR A 260 -14.43 -11.69 -21.14
C TYR A 260 -13.67 -10.73 -22.02
N ARG A 261 -14.37 -9.92 -22.83
CA ARG A 261 -13.73 -8.87 -23.66
C ARG A 261 -13.34 -7.74 -22.72
N PRO A 262 -12.20 -7.04 -22.98
CA PRO A 262 -11.73 -5.99 -22.13
C PRO A 262 -12.63 -4.76 -22.15
N ARG A 263 -12.51 -3.98 -21.10
CA ARG A 263 -13.45 -2.90 -20.80
C ARG A 263 -13.33 -1.86 -21.92
N PRO A 264 -14.43 -1.29 -22.44
CA PRO A 264 -14.35 -0.44 -23.62
C PRO A 264 -13.60 0.91 -23.47
N ASP A 265 -13.14 1.21 -22.27
CA ASP A 265 -12.61 2.53 -21.89
C ASP A 265 -11.22 2.42 -21.29
N SER A 266 -10.57 1.29 -21.44
CA SER A 266 -9.48 0.81 -20.56
C SER A 266 -8.16 1.51 -20.92
N TYR A 267 -8.18 2.55 -21.76
CA TYR A 267 -6.98 3.38 -22.02
C TYR A 267 -7.02 4.70 -21.25
N HIS A 268 -8.02 4.89 -20.42
CA HIS A 268 -8.33 6.17 -19.76
C HIS A 268 -8.11 6.02 -18.28
N LEU A 269 -7.60 7.07 -17.64
CA LEU A 269 -7.44 7.15 -16.17
C LEU A 269 -8.81 7.46 -15.57
N LEU A 270 -9.58 8.44 -16.10
CA LEU A 270 -10.83 8.90 -15.42
C LEU A 270 -11.95 8.16 -16.12
N ARG A 271 -12.70 7.41 -15.28
CA ARG A 271 -13.82 6.46 -15.54
C ARG A 271 -15.15 7.11 -15.17
N HIS A 272 -16.26 6.44 -15.38
CA HIS A 272 -17.61 6.96 -15.06
C HIS A 272 -17.67 7.09 -13.55
N PRO A 273 -18.25 8.16 -12.96
CA PRO A 273 -18.52 8.19 -11.54
C PRO A 273 -19.36 7.06 -10.95
N VAL A 274 -20.27 6.42 -11.67
CA VAL A 274 -21.19 5.41 -11.06
C VAL A 274 -20.96 4.00 -11.60
N THR A 275 -20.67 3.83 -12.89
CA THR A 275 -20.48 2.50 -13.49
C THR A 275 -19.00 2.24 -13.75
N GLY A 276 -18.09 3.15 -13.39
CA GLY A 276 -16.64 2.90 -13.45
C GLY A 276 -16.20 1.82 -12.46
N ASP A 277 -15.18 1.05 -12.81
CA ASP A 277 -14.52 0.17 -11.81
C ASP A 277 -13.81 1.01 -10.75
N LEU A 278 -13.18 2.12 -11.15
CA LEU A 278 -12.33 2.97 -10.26
C LEU A 278 -12.81 4.36 -10.57
N PRO A 279 -13.99 4.69 -10.00
CA PRO A 279 -14.61 5.95 -10.33
C PRO A 279 -13.69 7.14 -9.97
N TRP A 280 -13.66 8.15 -10.82
CA TRP A 280 -12.96 9.42 -10.57
C TRP A 280 -13.27 10.02 -9.23
N PRO A 281 -14.50 10.17 -8.84
CA PRO A 281 -14.92 10.88 -7.67
C PRO A 281 -14.11 10.06 -6.68
N ALA A 282 -14.40 8.77 -6.56
CA ALA A 282 -13.80 7.85 -5.58
C ALA A 282 -12.28 7.99 -5.51
N LEU A 283 -11.58 7.86 -6.61
CA LEU A 283 -10.12 7.91 -6.58
C LEU A 283 -9.83 9.20 -5.82
N LEU A 284 -10.20 10.35 -6.30
CA LEU A 284 -9.74 11.60 -5.63
C LEU A 284 -10.17 11.55 -4.17
N LEU A 285 -11.42 11.73 -3.92
CA LEU A 285 -11.73 12.10 -2.53
C LEU A 285 -11.53 10.91 -1.60
N GLY A 286 -11.30 9.70 -2.08
CA GLY A 286 -11.42 8.52 -1.23
C GLY A 286 -10.18 7.76 -1.15
N LEU A 287 -9.29 7.91 -2.08
CA LEU A 287 -7.98 7.31 -1.89
C LEU A 287 -7.27 8.25 -0.96
N THR A 288 -7.52 9.53 -1.03
CA THR A 288 -6.82 10.41 -0.10
C THR A 288 -7.20 9.93 1.31
N ILE A 289 -8.45 9.78 1.58
CA ILE A 289 -8.77 9.26 2.93
C ILE A 289 -7.92 8.02 3.25
N VAL A 290 -7.58 7.12 2.30
CA VAL A 290 -6.99 5.81 2.67
C VAL A 290 -5.48 5.84 2.47
N SER A 291 -4.99 6.41 1.34
CA SER A 291 -3.53 6.65 1.09
C SER A 291 -2.99 7.63 2.12
N GLY A 292 -3.80 8.59 2.54
CA GLY A 292 -3.43 9.55 3.61
C GLY A 292 -3.08 8.84 4.88
N TRP A 293 -3.87 7.87 5.25
CA TRP A 293 -3.69 7.16 6.53
C TRP A 293 -2.42 6.34 6.39
N TYR A 294 -2.20 5.75 5.22
CA TYR A 294 -0.96 4.97 5.00
C TYR A 294 0.30 5.87 5.16
N TRP A 295 0.39 7.03 4.50
CA TRP A 295 1.59 7.92 4.56
C TRP A 295 1.67 8.68 5.89
N CYS A 296 0.56 8.99 6.56
CA CYS A 296 0.59 9.73 7.85
C CYS A 296 0.95 8.77 8.98
N SER A 297 0.63 7.49 8.92
CA SER A 297 0.62 6.67 10.14
C SER A 297 1.39 5.36 10.02
N ASP A 298 2.04 5.03 8.88
CA ASP A 298 2.81 3.77 8.74
C ASP A 298 4.04 3.89 9.64
N GLN A 299 4.54 2.76 10.15
CA GLN A 299 5.77 2.76 10.99
C GLN A 299 6.91 3.10 10.04
N VAL A 300 6.99 2.41 8.90
CA VAL A 300 8.19 2.51 8.02
C VAL A 300 8.18 3.89 7.38
N ILE A 301 7.01 4.43 7.05
CA ILE A 301 6.95 5.67 6.22
C ILE A 301 7.45 6.80 7.08
N VAL A 302 6.93 6.87 8.27
CA VAL A 302 7.26 8.00 9.17
C VAL A 302 8.70 7.79 9.68
N GLN A 303 9.11 6.55 9.96
CA GLN A 303 10.48 6.27 10.46
C GLN A 303 11.54 6.66 9.43
N ARG A 304 11.25 6.51 8.14
CA ARG A 304 12.19 6.86 7.04
C ARG A 304 12.02 8.30 6.72
N CYS A 305 10.85 8.89 6.99
CA CYS A 305 10.56 10.31 6.66
C CYS A 305 11.32 11.17 7.66
N LEU A 306 11.28 10.80 8.93
CA LEU A 306 12.01 11.53 9.97
C LEU A 306 13.40 10.87 10.03
N ALA A 307 14.18 11.07 8.98
CA ALA A 307 15.64 10.86 8.95
C ALA A 307 16.34 12.06 8.35
N GLY A 308 15.58 13.06 7.91
CA GLY A 308 16.20 14.25 7.37
C GLY A 308 17.02 14.93 8.43
N LYS A 309 17.90 15.80 7.99
CA LYS A 309 18.57 16.77 8.86
C LYS A 309 17.61 17.95 9.08
N SER A 310 16.45 17.99 8.46
CA SER A 310 15.76 19.28 8.34
C SER A 310 14.39 19.06 7.77
N LEU A 311 13.52 20.05 7.88
CA LEU A 311 12.22 19.98 7.18
C LEU A 311 12.44 20.26 5.70
N THR A 312 13.36 21.14 5.35
CA THR A 312 13.72 21.38 3.92
C THR A 312 14.14 20.05 3.29
N HIS A 313 15.00 19.27 3.94
CA HIS A 313 15.48 17.95 3.43
C HIS A 313 14.28 17.01 3.26
N ILE A 314 13.46 16.87 4.30
CA ILE A 314 12.19 16.10 4.29
C ILE A 314 11.35 16.55 3.11
N LYS A 315 11.10 17.86 2.98
CA LYS A 315 10.22 18.40 1.91
C LYS A 315 10.81 18.08 0.53
N ALA A 316 12.11 18.29 0.34
CA ALA A 316 12.76 18.06 -0.97
C ALA A 316 12.83 16.56 -1.30
N GLY A 317 13.02 15.70 -0.32
CA GLY A 317 12.89 14.25 -0.59
C GLY A 317 11.48 13.86 -0.95
N CYS A 318 10.51 14.42 -0.25
CA CYS A 318 9.07 14.19 -0.55
C CYS A 318 8.73 14.72 -1.94
N ILE A 319 9.48 15.69 -2.49
CA ILE A 319 9.33 16.12 -3.93
C ILE A 319 9.91 15.06 -4.84
N LEU A 320 11.08 14.52 -4.54
CA LEU A 320 11.74 13.51 -5.42
C LEU A 320 10.91 12.24 -5.47
N CYS A 321 10.33 11.80 -4.34
CA CYS A 321 9.44 10.60 -4.25
C CYS A 321 8.15 10.78 -5.09
N GLY A 322 7.65 12.00 -5.33
CA GLY A 322 6.60 12.21 -6.35
C GLY A 322 7.04 11.88 -7.76
N TYR A 323 8.24 12.35 -8.09
CA TYR A 323 8.84 12.07 -9.42
C TYR A 323 9.06 10.56 -9.55
N LEU A 324 8.91 9.79 -8.48
CA LEU A 324 9.12 8.32 -8.54
C LEU A 324 7.76 7.61 -8.46
N LYS A 325 6.66 8.37 -8.49
CA LYS A 325 5.31 7.77 -8.42
C LYS A 325 4.75 7.59 -9.84
N LEU A 326 5.47 8.09 -10.84
CA LEU A 326 5.01 7.97 -12.26
C LEU A 326 5.78 6.82 -12.94
N THR A 327 6.86 6.36 -12.33
CA THR A 327 7.67 5.25 -12.91
C THR A 327 6.86 3.95 -12.87
N PRO A 328 6.19 3.67 -11.76
CA PRO A 328 5.36 2.47 -11.55
C PRO A 328 4.34 2.28 -12.67
N MET A 329 3.68 3.35 -13.10
CA MET A 329 2.66 3.26 -14.19
C MET A 329 3.26 2.56 -15.41
N PHE A 330 4.49 2.89 -15.76
CA PHE A 330 5.17 2.24 -16.94
C PHE A 330 5.68 0.91 -16.41
N LEU A 331 6.59 0.94 -15.47
CA LEU A 331 7.20 -0.28 -14.86
C LEU A 331 6.27 -1.41 -14.39
N MET A 332 5.08 -1.11 -13.88
CA MET A 332 4.23 -2.15 -13.23
C MET A 332 2.93 -2.33 -14.04
N VAL A 333 2.21 -1.26 -14.41
CA VAL A 333 0.79 -1.36 -14.87
C VAL A 333 0.80 -1.74 -16.33
N MET A 334 1.67 -1.19 -17.13
CA MET A 334 1.57 -1.38 -18.59
C MET A 334 2.01 -2.80 -18.91
N PRO A 335 3.04 -3.35 -18.28
CA PRO A 335 3.34 -4.78 -18.32
C PRO A 335 2.22 -5.76 -17.93
N GLY A 336 1.34 -5.37 -17.05
CA GLY A 336 0.13 -6.19 -16.81
C GLY A 336 -0.70 -6.29 -18.09
N MET A 337 -0.80 -5.18 -18.79
CA MET A 337 -1.59 -5.12 -20.02
C MET A 337 -0.88 -5.95 -21.08
N ILE A 338 0.45 -5.93 -21.08
CA ILE A 338 1.20 -6.67 -22.13
C ILE A 338 1.17 -8.16 -21.74
N SER A 339 1.08 -8.47 -20.48
CA SER A 339 0.74 -9.83 -20.01
C SER A 339 -0.63 -10.29 -20.48
N ARG A 340 -1.61 -9.40 -20.68
CA ARG A 340 -2.94 -9.79 -21.20
C ARG A 340 -2.79 -10.00 -22.69
N ILE A 341 -2.02 -9.17 -23.37
CA ILE A 341 -1.99 -9.26 -24.85
C ILE A 341 -1.27 -10.56 -25.19
N LEU A 342 -0.07 -10.74 -24.66
CA LEU A 342 0.82 -11.91 -24.94
C LEU A 342 0.18 -13.25 -24.54
N TYR A 343 -0.47 -13.29 -23.38
CA TYR A 343 -0.85 -14.57 -22.73
C TYR A 343 -2.34 -14.56 -22.37
N PRO A 344 -3.28 -14.30 -23.31
CA PRO A 344 -4.67 -14.00 -22.95
C PRO A 344 -5.47 -15.20 -22.49
N ASP A 345 -5.10 -16.39 -22.96
CA ASP A 345 -5.74 -17.68 -22.61
C ASP A 345 -5.48 -18.02 -21.14
N GLU A 346 -4.54 -17.37 -20.46
CA GLU A 346 -4.24 -17.61 -19.03
C GLU A 346 -4.58 -16.36 -18.25
N VAL A 347 -3.94 -15.26 -18.58
CA VAL A 347 -4.11 -14.03 -17.79
C VAL A 347 -5.59 -13.64 -17.86
N ALA A 348 -6.27 -13.68 -19.02
CA ALA A 348 -7.63 -13.06 -19.15
C ALA A 348 -8.71 -14.17 -19.21
N CYS A 349 -8.47 -15.29 -18.50
CA CYS A 349 -9.38 -16.47 -18.56
C CYS A 349 -10.63 -16.15 -17.76
N VAL A 350 -11.76 -16.60 -18.23
CA VAL A 350 -13.06 -16.21 -17.66
C VAL A 350 -13.74 -17.44 -17.09
N VAL A 351 -13.53 -18.61 -17.65
CA VAL A 351 -14.45 -19.74 -17.35
C VAL A 351 -14.04 -20.29 -15.99
N PRO A 352 -14.96 -20.49 -15.03
CA PRO A 352 -14.60 -21.10 -13.75
C PRO A 352 -13.73 -22.37 -13.78
N GLU A 353 -13.82 -23.23 -14.78
CA GLU A 353 -13.04 -24.49 -14.80
C GLU A 353 -11.60 -24.21 -15.21
N VAL A 354 -11.43 -23.28 -16.15
CA VAL A 354 -10.16 -23.00 -16.87
C VAL A 354 -9.30 -22.14 -15.98
N CYS A 355 -9.94 -21.21 -15.26
CA CYS A 355 -9.28 -20.33 -14.26
C CYS A 355 -8.65 -21.21 -13.21
N ARG A 356 -9.41 -22.08 -12.53
CA ARG A 356 -8.83 -22.96 -11.49
C ARG A 356 -7.67 -23.73 -12.13
N ARG A 357 -7.84 -24.22 -13.36
CA ARG A 357 -6.78 -25.04 -13.99
C ARG A 357 -5.52 -24.16 -14.15
N VAL A 358 -5.61 -22.83 -14.25
CA VAL A 358 -4.41 -21.99 -14.53
C VAL A 358 -3.90 -21.26 -13.29
N CYS A 359 -4.79 -20.77 -12.43
CA CYS A 359 -4.37 -19.93 -11.27
C CYS A 359 -4.85 -20.53 -9.95
N GLY A 360 -5.77 -21.50 -9.93
CA GLY A 360 -6.15 -22.26 -8.73
C GLY A 360 -7.42 -21.74 -8.08
N THR A 361 -8.13 -20.79 -8.72
CA THR A 361 -9.34 -20.15 -8.17
C THR A 361 -10.40 -19.83 -9.24
N GLU A 362 -11.61 -20.29 -9.01
CA GLU A 362 -12.71 -20.22 -10.01
C GLU A 362 -12.89 -18.75 -10.44
N VAL A 363 -12.77 -17.85 -9.48
CA VAL A 363 -13.21 -16.43 -9.57
C VAL A 363 -12.45 -15.64 -10.64
N GLY A 364 -11.19 -15.91 -10.92
CA GLY A 364 -10.54 -15.09 -11.96
C GLY A 364 -9.09 -15.49 -12.13
N CYS A 365 -8.24 -14.61 -12.65
CA CYS A 365 -6.84 -15.07 -12.78
C CYS A 365 -5.79 -14.03 -13.05
N SER A 366 -6.11 -12.76 -12.98
CA SER A 366 -5.25 -11.66 -13.46
C SER A 366 -4.02 -11.56 -12.60
N ASN A 367 -4.17 -11.98 -11.34
CA ASN A 367 -3.10 -12.00 -10.33
C ASN A 367 -1.82 -12.58 -10.89
N ILE A 368 -1.87 -13.49 -11.85
CA ILE A 368 -0.63 -14.09 -12.37
C ILE A 368 0.01 -13.18 -13.40
N ALA A 369 -0.56 -12.03 -13.76
CA ALA A 369 0.00 -11.25 -14.88
C ALA A 369 1.54 -11.03 -14.70
N TYR A 370 2.02 -10.38 -13.62
CA TYR A 370 3.46 -9.97 -13.53
C TYR A 370 4.42 -11.13 -13.41
N PRO A 371 4.19 -12.14 -12.55
CA PRO A 371 5.01 -13.34 -12.52
C PRO A 371 5.05 -14.16 -13.80
N ARG A 372 3.96 -14.27 -14.52
CA ARG A 372 3.96 -15.04 -15.79
C ARG A 372 4.84 -14.31 -16.78
N LEU A 373 4.78 -12.97 -16.74
CA LEU A 373 5.57 -12.09 -17.62
C LEU A 373 7.05 -12.25 -17.29
N VAL A 374 7.41 -12.36 -16.02
CA VAL A 374 8.82 -12.49 -15.62
C VAL A 374 9.34 -13.81 -16.13
N VAL A 375 8.60 -14.89 -15.85
CA VAL A 375 9.06 -16.28 -16.21
C VAL A 375 9.21 -16.36 -17.72
N LYS A 376 8.21 -15.95 -18.44
CA LYS A 376 8.19 -16.20 -19.89
C LYS A 376 8.84 -15.08 -20.70
N LEU A 377 9.24 -13.90 -20.20
CA LEU A 377 9.99 -12.93 -21.12
C LEU A 377 11.49 -12.82 -20.84
N MET A 378 11.85 -12.45 -19.60
CA MET A 378 13.25 -12.29 -19.14
C MET A 378 14.06 -13.52 -19.52
N PRO A 379 15.22 -13.39 -20.20
CA PRO A 379 15.93 -14.54 -20.78
C PRO A 379 16.66 -15.28 -19.68
N ASN A 380 17.20 -16.45 -20.01
CA ASN A 380 17.98 -17.27 -19.05
C ASN A 380 19.09 -16.42 -18.38
N GLY A 381 19.28 -16.66 -17.08
CA GLY A 381 20.21 -15.98 -16.18
C GLY A 381 19.51 -14.84 -15.48
N LEU A 382 19.01 -13.90 -16.26
CA LEU A 382 18.38 -12.66 -15.76
C LEU A 382 17.07 -13.00 -15.07
N ARG A 383 16.42 -14.05 -15.58
CA ARG A 383 15.10 -14.57 -15.16
C ARG A 383 15.21 -14.95 -13.70
N GLY A 384 16.19 -15.80 -13.40
CA GLY A 384 16.48 -16.23 -12.03
C GLY A 384 16.82 -15.06 -11.13
N LEU A 385 17.55 -14.05 -11.62
CA LEU A 385 17.90 -12.88 -10.76
C LEU A 385 16.60 -12.19 -10.35
N MET A 386 15.68 -12.03 -11.29
CA MET A 386 14.47 -11.21 -11.04
C MET A 386 13.55 -12.00 -10.10
N LEU A 387 13.38 -13.34 -10.28
CA LEU A 387 12.65 -14.24 -9.36
C LEU A 387 13.32 -14.25 -7.96
N ALA A 388 14.65 -14.27 -7.90
CA ALA A 388 15.42 -14.31 -6.63
C ALA A 388 15.17 -13.06 -5.81
N VAL A 389 15.08 -11.94 -6.49
CA VAL A 389 15.07 -10.60 -5.84
C VAL A 389 13.63 -10.26 -5.41
N MET A 390 12.64 -10.47 -6.27
CA MET A 390 11.20 -10.51 -5.90
C MET A 390 10.95 -11.53 -4.76
N LEU A 391 11.73 -12.62 -4.58
CA LEU A 391 11.47 -13.60 -3.46
C LEU A 391 12.22 -13.21 -2.18
N ALA A 392 13.44 -12.70 -2.32
CA ALA A 392 14.21 -12.25 -1.14
C ALA A 392 13.50 -11.01 -0.56
N ALA A 393 12.82 -10.22 -1.38
CA ALA A 393 12.06 -9.10 -0.84
C ALA A 393 10.89 -9.60 0.05
N LEU A 394 10.21 -10.71 -0.28
CA LEU A 394 9.00 -11.13 0.51
C LEU A 394 9.52 -11.78 1.76
N MET A 395 10.69 -12.45 1.68
CA MET A 395 11.48 -12.90 2.86
C MET A 395 11.72 -11.73 3.81
N SER A 396 12.42 -10.67 3.35
CA SER A 396 12.61 -9.44 4.15
C SER A 396 11.29 -8.87 4.69
N SER A 397 10.24 -8.75 3.86
CA SER A 397 9.00 -8.01 4.19
C SER A 397 8.19 -8.77 5.24
N LEU A 398 8.14 -10.10 5.08
CA LEU A 398 7.53 -11.00 6.08
C LEU A 398 8.35 -10.89 7.35
N ALA A 399 9.66 -10.98 7.29
CA ALA A 399 10.47 -10.99 8.53
C ALA A 399 10.31 -9.67 9.29
N SER A 400 10.31 -8.56 8.58
CA SER A 400 10.06 -7.19 9.11
C SER A 400 8.74 -7.18 9.90
N ILE A 401 7.69 -7.68 9.29
CA ILE A 401 6.30 -7.50 9.79
C ILE A 401 6.06 -8.50 10.93
N PHE A 402 6.70 -9.65 10.93
CA PHE A 402 6.63 -10.59 12.07
C PHE A 402 7.28 -9.95 13.30
N ASN A 403 8.48 -9.39 13.16
CA ASN A 403 9.18 -8.62 14.25
C ASN A 403 8.30 -7.46 14.76
N SER A 404 7.67 -6.74 13.87
CA SER A 404 6.96 -5.50 14.24
C SER A 404 5.70 -5.87 14.99
N SER A 405 4.94 -6.84 14.50
CA SER A 405 3.69 -7.28 15.15
C SER A 405 4.01 -7.92 16.52
N SER A 406 5.21 -8.48 16.65
CA SER A 406 5.66 -9.13 17.90
C SER A 406 5.94 -8.07 18.95
N THR A 407 6.65 -7.00 18.59
CA THR A 407 6.93 -5.96 19.58
C THR A 407 5.57 -5.44 19.93
N LEU A 408 4.77 -5.03 18.95
CA LEU A 408 3.54 -4.31 19.31
C LEU A 408 2.79 -5.26 20.24
N PHE A 409 2.50 -6.48 19.84
CA PHE A 409 1.72 -7.42 20.70
C PHE A 409 2.40 -7.61 22.07
N THR A 410 3.68 -7.99 22.08
CA THR A 410 4.42 -8.25 23.34
C THR A 410 4.35 -7.06 24.30
N MET A 411 4.48 -5.83 23.80
CA MET A 411 4.48 -4.65 24.67
C MET A 411 3.02 -4.26 24.89
N ASP A 412 2.42 -3.63 23.94
CA ASP A 412 1.10 -2.99 24.22
C ASP A 412 0.25 -4.08 24.87
N ILE A 413 -0.05 -5.12 24.16
CA ILE A 413 -1.27 -5.84 24.60
C ILE A 413 -0.97 -6.85 25.72
N TYR A 414 0.20 -7.42 25.84
CA TYR A 414 0.32 -8.45 26.88
C TYR A 414 0.60 -7.65 28.10
N THR A 415 1.42 -6.65 27.93
CA THR A 415 1.87 -6.00 29.14
C THR A 415 0.53 -5.62 29.77
N ARG A 416 -0.37 -4.98 29.02
CA ARG A 416 -1.61 -4.56 29.70
C ARG A 416 -2.22 -5.77 30.39
N LEU A 417 -2.41 -6.88 29.71
CA LEU A 417 -3.22 -7.93 30.34
C LEU A 417 -2.46 -8.43 31.56
N ARG A 418 -1.17 -8.74 31.41
CA ARG A 418 -0.33 -9.18 32.55
C ARG A 418 0.93 -8.32 32.57
N PRO A 419 1.02 -7.25 33.41
CA PRO A 419 2.26 -6.46 33.57
C PRO A 419 3.23 -7.05 34.62
N ARG A 420 3.35 -8.37 34.67
CA ARG A 420 4.17 -9.16 35.63
C ARG A 420 5.20 -9.91 34.81
N ALA A 421 5.94 -9.27 33.91
CA ALA A 421 6.67 -10.09 32.92
C ALA A 421 8.13 -10.46 33.22
N GLY A 422 8.39 -11.77 33.22
CA GLY A 422 9.76 -12.29 33.18
C GLY A 422 10.10 -11.89 31.80
N ASP A 423 11.25 -11.29 31.56
CA ASP A 423 11.59 -10.87 30.17
C ASP A 423 11.83 -12.14 29.33
N ARG A 424 12.41 -13.21 29.89
CA ARG A 424 12.37 -14.58 29.32
C ARG A 424 10.94 -14.96 28.90
N GLU A 425 10.03 -14.86 29.86
CA GLU A 425 8.60 -15.17 29.63
C GLU A 425 8.05 -14.36 28.47
N LEU A 426 8.34 -13.07 28.48
CA LEU A 426 7.86 -12.11 27.47
C LEU A 426 8.37 -12.56 26.11
N LEU A 427 9.67 -12.88 26.02
CA LEU A 427 10.33 -13.37 24.79
C LEU A 427 9.67 -14.67 24.28
N LEU A 428 9.22 -15.57 25.18
CA LEU A 428 8.31 -16.66 24.72
C LEU A 428 7.13 -15.96 24.04
N VAL A 429 6.33 -15.24 24.80
CA VAL A 429 5.03 -14.75 24.25
C VAL A 429 5.29 -13.96 22.96
N GLY A 430 6.39 -13.23 22.87
CA GLY A 430 6.91 -12.66 21.62
C GLY A 430 7.10 -13.66 20.48
N ARG A 431 7.64 -14.84 20.78
CA ARG A 431 7.85 -15.90 19.77
C ARG A 431 6.52 -16.61 19.47
N LEU A 432 5.59 -16.75 20.43
CA LEU A 432 4.35 -17.57 20.27
C LEU A 432 3.29 -16.79 19.49
N TRP A 433 3.34 -15.47 19.57
CA TRP A 433 2.57 -14.55 18.71
C TRP A 433 2.82 -14.82 17.23
N VAL A 434 4.10 -14.91 16.85
CA VAL A 434 4.51 -15.08 15.43
C VAL A 434 3.95 -16.41 14.93
N VAL A 435 3.94 -17.44 15.77
CA VAL A 435 3.28 -18.73 15.40
C VAL A 435 1.81 -18.48 15.08
N PHE A 436 1.10 -17.75 15.95
CA PHE A 436 -0.36 -17.52 15.82
C PHE A 436 -0.66 -16.74 14.53
N ILE A 437 0.12 -15.72 14.21
CA ILE A 437 -0.19 -14.87 13.02
C ILE A 437 0.29 -15.54 11.75
N VAL A 438 1.33 -16.35 11.77
CA VAL A 438 1.63 -17.22 10.59
C VAL A 438 0.41 -18.05 10.32
N VAL A 439 -0.07 -18.73 11.34
CA VAL A 439 -1.23 -19.63 11.14
C VAL A 439 -2.47 -18.82 10.69
N VAL A 440 -2.76 -17.65 11.24
CA VAL A 440 -4.05 -17.01 10.89
C VAL A 440 -3.92 -16.43 9.47
N SER A 441 -2.78 -15.92 9.10
CA SER A 441 -2.58 -15.46 7.71
C SER A 441 -2.71 -16.62 6.72
N VAL A 442 -2.13 -17.78 7.01
CA VAL A 442 -2.23 -18.96 6.10
C VAL A 442 -3.67 -19.41 6.05
N ALA A 443 -4.41 -19.34 7.16
CA ALA A 443 -5.85 -19.66 7.16
C ALA A 443 -6.60 -18.74 6.20
N TRP A 444 -6.25 -17.45 6.22
CA TRP A 444 -6.86 -16.33 5.45
C TRP A 444 -6.42 -16.37 3.99
N LEU A 445 -5.37 -17.12 3.66
CA LEU A 445 -4.70 -17.12 2.33
C LEU A 445 -5.64 -17.42 1.18
N PRO A 446 -6.53 -18.43 1.22
CA PRO A 446 -7.57 -18.54 0.20
C PRO A 446 -8.63 -17.46 0.13
N VAL A 447 -8.77 -16.58 1.10
CA VAL A 447 -9.71 -15.43 0.93
C VAL A 447 -8.94 -14.41 0.11
N VAL A 448 -7.63 -14.31 0.32
CA VAL A 448 -6.77 -13.32 -0.36
C VAL A 448 -6.65 -13.75 -1.82
N GLN A 449 -6.67 -15.06 -2.06
CA GLN A 449 -6.53 -15.67 -3.40
C GLN A 449 -7.69 -15.26 -4.29
N ALA A 450 -8.92 -15.45 -3.85
CA ALA A 450 -10.09 -15.05 -4.65
C ALA A 450 -10.73 -13.92 -3.85
N ALA A 451 -10.11 -12.74 -3.88
CA ALA A 451 -10.61 -11.74 -2.92
C ALA A 451 -11.66 -10.84 -3.55
N GLN A 452 -11.32 -10.16 -4.64
CA GLN A 452 -12.25 -9.19 -5.27
C GLN A 452 -12.35 -9.56 -6.72
N GLY A 453 -12.77 -10.80 -6.92
CA GLY A 453 -12.82 -11.33 -8.28
C GLY A 453 -11.45 -11.78 -8.72
N GLY A 454 -10.57 -12.03 -7.76
CA GLY A 454 -9.18 -12.36 -8.09
C GLY A 454 -8.49 -11.11 -8.57
N GLN A 455 -8.36 -10.17 -7.65
CA GLN A 455 -7.70 -8.89 -7.88
C GLN A 455 -7.07 -8.43 -6.56
N LEU A 456 -5.80 -8.77 -6.28
CA LEU A 456 -5.10 -8.46 -5.01
C LEU A 456 -5.13 -6.95 -4.72
N PHE A 457 -5.01 -6.13 -5.74
CA PHE A 457 -5.09 -4.68 -5.54
C PHE A 457 -6.36 -4.31 -4.84
N ASP A 458 -7.42 -4.87 -5.36
CA ASP A 458 -8.71 -4.37 -4.95
C ASP A 458 -8.85 -4.88 -3.55
N TYR A 459 -8.39 -6.08 -3.22
CA TYR A 459 -8.58 -6.55 -1.84
C TYR A 459 -7.82 -5.69 -0.86
N ILE A 460 -6.59 -5.36 -1.19
CA ILE A 460 -5.75 -4.55 -0.29
C ILE A 460 -6.53 -3.30 -0.10
N GLN A 461 -6.93 -2.64 -1.18
CA GLN A 461 -7.45 -1.25 -1.05
C GLN A 461 -8.86 -1.30 -0.47
N ALA A 462 -9.52 -2.45 -0.47
CA ALA A 462 -10.88 -2.61 0.03
C ALA A 462 -10.79 -2.85 1.51
N VAL A 463 -9.81 -3.61 1.98
CA VAL A 463 -9.64 -3.85 3.43
C VAL A 463 -9.30 -2.51 4.05
N SER A 464 -8.37 -1.81 3.46
CA SER A 464 -7.95 -0.48 3.92
C SER A 464 -9.06 0.58 3.76
N SER A 465 -10.09 0.39 2.96
CA SER A 465 -11.24 1.35 2.95
C SER A 465 -12.24 1.04 4.05
N TYR A 466 -12.28 -0.16 4.58
CA TYR A 466 -13.19 -0.54 5.69
C TYR A 466 -12.60 -0.21 7.06
N LEU A 467 -11.28 -0.15 7.20
CA LEU A 467 -10.62 -0.03 8.53
C LEU A 467 -9.91 1.31 8.72
N ALA A 468 -9.47 1.99 7.67
CA ALA A 468 -8.69 3.24 7.78
C ALA A 468 -9.54 4.47 8.02
N PRO A 469 -10.63 4.72 7.29
CA PRO A 469 -11.29 6.01 7.38
C PRO A 469 -11.77 6.52 8.72
N PRO A 470 -12.15 5.69 9.69
CA PRO A 470 -12.30 6.18 11.06
C PRO A 470 -11.07 6.87 11.62
N VAL A 471 -9.93 6.21 11.46
CA VAL A 471 -8.65 6.69 12.04
C VAL A 471 -8.23 7.93 11.28
N SER A 472 -8.49 7.95 9.98
CA SER A 472 -8.28 9.15 9.13
C SER A 472 -9.06 10.32 9.70
N ALA A 473 -10.32 10.12 10.04
CA ALA A 473 -11.22 11.17 10.58
C ALA A 473 -10.69 11.66 11.92
N VAL A 474 -10.27 10.75 12.79
CA VAL A 474 -9.84 11.11 14.17
C VAL A 474 -8.50 11.83 14.07
N PHE A 475 -7.59 11.46 13.17
CA PHE A 475 -6.30 12.21 13.01
C PHE A 475 -6.49 13.51 12.26
N VAL A 476 -7.37 13.63 11.28
CA VAL A 476 -7.62 14.96 10.62
C VAL A 476 -8.51 15.85 11.49
N LEU A 477 -9.24 15.32 12.47
CA LEU A 477 -9.98 16.13 13.48
C LEU A 477 -9.11 16.47 14.67
N ALA A 478 -8.21 15.57 15.07
CA ALA A 478 -7.30 15.79 16.22
C ALA A 478 -6.47 17.05 15.96
N LEU A 479 -6.04 17.16 14.74
CA LEU A 479 -4.95 18.01 14.31
C LEU A 479 -5.51 19.31 13.78
N PHE A 480 -6.81 19.43 13.51
CA PHE A 480 -7.44 20.67 13.01
C PHE A 480 -8.72 21.05 13.74
N VAL A 481 -9.24 20.27 14.69
CA VAL A 481 -10.31 20.74 15.60
C VAL A 481 -9.79 20.54 17.03
N PRO A 482 -9.36 21.60 17.73
CA PRO A 482 -8.97 21.44 19.12
C PRO A 482 -10.14 21.13 20.06
N ARG A 483 -11.41 21.29 19.65
CA ARG A 483 -12.52 20.96 20.58
C ARG A 483 -12.63 19.45 20.83
N VAL A 484 -12.15 18.61 19.91
CA VAL A 484 -12.29 17.13 19.96
C VAL A 484 -11.56 16.59 21.20
N ASN A 485 -12.29 16.04 22.16
CA ASN A 485 -11.72 15.49 23.42
C ASN A 485 -11.51 13.99 23.27
N GLU A 486 -11.13 13.30 24.34
CA GLU A 486 -10.72 11.89 24.29
C GLU A 486 -11.94 10.99 24.13
N GLN A 487 -12.99 11.24 24.90
CA GLN A 487 -14.27 10.49 24.76
C GLN A 487 -14.57 10.47 23.26
N GLY A 488 -14.50 11.62 22.59
CA GLY A 488 -14.78 11.77 21.16
C GLY A 488 -14.02 10.79 20.29
N ALA A 489 -12.70 10.88 20.31
CA ALA A 489 -11.80 10.04 19.51
C ALA A 489 -12.18 8.60 19.77
N PHE A 490 -12.15 8.15 21.00
CA PHE A 490 -12.44 6.72 21.25
C PHE A 490 -13.76 6.37 20.59
N TRP A 491 -14.84 7.10 20.80
CA TRP A 491 -16.11 6.50 20.32
C TRP A 491 -16.17 6.66 18.82
N GLY A 492 -15.64 7.74 18.21
CA GLY A 492 -15.39 7.86 16.75
C GLY A 492 -14.76 6.59 16.22
N LEU A 493 -13.63 6.19 16.80
CA LEU A 493 -12.89 4.96 16.47
C LEU A 493 -13.82 3.75 16.58
N ILE A 494 -14.51 3.57 17.69
CA ILE A 494 -15.29 2.32 17.92
C ILE A 494 -16.55 2.34 17.08
N GLY A 495 -17.15 3.50 16.87
CA GLY A 495 -18.32 3.60 16.00
C GLY A 495 -17.99 3.48 14.52
N GLY A 496 -16.74 3.63 14.13
CA GLY A 496 -16.25 3.45 12.76
C GLY A 496 -15.91 2.02 12.51
N LEU A 497 -15.37 1.34 13.51
CA LEU A 497 -15.14 -0.11 13.37
C LEU A 497 -16.49 -0.82 13.18
N LEU A 498 -17.55 -0.48 13.89
CA LEU A 498 -18.80 -1.26 13.76
C LEU A 498 -19.43 -1.00 12.38
N MET A 499 -19.32 0.19 11.81
CA MET A 499 -19.92 0.43 10.48
C MET A 499 -19.03 -0.29 9.48
N GLY A 500 -17.75 -0.16 9.71
CA GLY A 500 -16.79 -0.74 8.78
C GLY A 500 -16.88 -2.22 8.84
N LEU A 501 -17.03 -2.76 10.04
CA LEU A 501 -17.03 -4.24 10.07
C LEU A 501 -18.39 -4.62 9.54
N ALA A 502 -19.40 -3.76 9.58
CA ALA A 502 -20.75 -4.11 9.08
C ALA A 502 -20.70 -4.23 7.55
N ARG A 503 -19.51 -4.28 6.97
CA ARG A 503 -19.35 -4.41 5.49
C ARG A 503 -18.13 -5.28 5.18
N LEU A 504 -17.06 -5.14 5.95
CA LEU A 504 -15.82 -5.94 5.73
C LEU A 504 -16.12 -7.41 6.02
N ILE A 505 -16.77 -7.70 7.14
CA ILE A 505 -17.10 -9.12 7.52
C ILE A 505 -18.17 -9.64 6.56
N PRO A 506 -19.34 -8.98 6.50
CA PRO A 506 -20.46 -9.37 5.63
C PRO A 506 -19.96 -9.66 4.20
N GLU A 507 -19.02 -8.87 3.69
CA GLU A 507 -18.48 -9.10 2.33
C GLU A 507 -17.50 -10.25 2.36
N PHE A 508 -16.49 -10.30 3.20
CA PHE A 508 -15.60 -11.49 3.00
C PHE A 508 -16.43 -12.75 3.31
N SER A 509 -17.57 -12.65 4.00
CA SER A 509 -18.36 -13.85 4.37
C SER A 509 -19.44 -14.28 3.36
N PHE A 510 -20.11 -13.39 2.61
CA PHE A 510 -21.19 -13.87 1.73
C PHE A 510 -20.52 -14.20 0.40
N GLY A 511 -19.18 -14.22 0.39
CA GLY A 511 -18.43 -14.36 -0.84
C GLY A 511 -18.51 -13.03 -1.59
N SER A 512 -17.58 -12.82 -2.52
CA SER A 512 -17.57 -11.68 -3.48
C SER A 512 -17.73 -12.15 -4.91
N GLY A 513 -17.37 -13.40 -5.19
CA GLY A 513 -17.62 -14.02 -6.49
C GLY A 513 -17.08 -13.09 -7.54
N SER A 514 -17.71 -12.96 -8.69
CA SER A 514 -17.07 -12.26 -9.82
C SER A 514 -18.04 -11.96 -10.93
N CYS A 515 -17.50 -11.47 -12.01
CA CYS A 515 -18.21 -11.13 -13.26
C CYS A 515 -19.14 -12.26 -13.72
N VAL A 516 -18.65 -13.50 -13.74
CA VAL A 516 -19.41 -14.63 -14.32
C VAL A 516 -20.57 -14.97 -13.40
N GLN A 517 -20.26 -15.28 -12.15
CA GLN A 517 -21.23 -15.67 -11.13
C GLN A 517 -21.21 -14.50 -10.19
N PRO A 518 -22.18 -13.58 -10.24
CA PRO A 518 -22.12 -12.37 -9.42
C PRO A 518 -22.21 -12.87 -7.97
N SER A 519 -21.83 -12.00 -7.04
CA SER A 519 -21.82 -12.33 -5.60
C SER A 519 -23.23 -12.68 -5.10
N ALA A 520 -23.46 -12.59 -3.80
CA ALA A 520 -24.77 -12.92 -3.21
C ALA A 520 -25.23 -11.88 -2.20
N CYS A 521 -24.28 -11.34 -1.40
CA CYS A 521 -24.52 -10.24 -0.43
C CYS A 521 -25.30 -9.17 -1.17
N PRO A 522 -26.20 -8.41 -0.53
CA PRO A 522 -27.01 -7.42 -1.24
C PRO A 522 -26.40 -6.06 -1.40
N ALA A 523 -27.01 -5.24 -2.21
CA ALA A 523 -26.39 -3.93 -2.46
C ALA A 523 -26.94 -2.86 -1.52
N PHE A 524 -27.78 -3.22 -0.56
CA PHE A 524 -28.06 -2.31 0.55
C PHE A 524 -26.72 -2.16 1.25
N LEU A 525 -25.85 -3.14 1.01
CA LEU A 525 -24.51 -3.25 1.54
C LEU A 525 -23.45 -3.09 0.44
N CYS A 526 -22.98 -4.16 -0.22
CA CYS A 526 -21.76 -4.19 -1.06
C CYS A 526 -22.03 -3.76 -2.52
N GLY A 527 -23.07 -2.95 -2.83
CA GLY A 527 -23.23 -2.39 -4.19
C GLY A 527 -22.12 -1.42 -4.51
N VAL A 528 -21.99 -0.40 -3.66
CA VAL A 528 -21.25 0.85 -3.99
C VAL A 528 -19.78 0.53 -3.95
N HIS A 529 -18.95 1.28 -4.67
CA HIS A 529 -17.48 1.05 -4.68
C HIS A 529 -16.95 1.18 -3.25
N TYR A 530 -15.93 0.43 -2.93
CA TYR A 530 -15.32 0.43 -1.58
C TYR A 530 -14.72 1.80 -1.31
N LEU A 531 -14.20 2.48 -2.31
CA LEU A 531 -13.66 3.83 -2.07
C LEU A 531 -14.81 4.77 -1.76
N TYR A 532 -15.98 4.61 -2.35
CA TYR A 532 -17.13 5.46 -1.91
C TYR A 532 -17.61 5.17 -0.47
N PHE A 533 -17.57 3.94 -0.05
CA PHE A 533 -17.83 3.58 1.35
C PHE A 533 -16.72 4.14 2.23
N ALA A 534 -15.47 4.21 1.78
CA ALA A 534 -14.42 4.92 2.55
C ALA A 534 -14.81 6.38 2.77
N ILE A 535 -15.29 7.06 1.74
CA ILE A 535 -15.72 8.48 1.87
C ILE A 535 -16.87 8.61 2.92
N VAL A 536 -17.86 7.78 2.82
CA VAL A 536 -18.99 7.79 3.78
C VAL A 536 -18.50 7.41 5.18
N LEU A 537 -17.62 6.43 5.35
CA LEU A 537 -17.15 6.03 6.71
C LEU A 537 -16.24 7.11 7.31
N PHE A 538 -15.54 7.83 6.45
CA PHE A 538 -14.74 9.01 6.87
C PHE A 538 -15.66 10.05 7.46
N PHE A 539 -16.62 10.54 6.68
CA PHE A 539 -17.53 11.59 7.16
C PHE A 539 -18.42 11.10 8.31
N CYS A 540 -18.80 9.82 8.35
CA CYS A 540 -19.74 9.30 9.36
C CYS A 540 -19.05 9.28 10.73
N SER A 541 -17.92 8.60 10.82
CA SER A 541 -17.12 8.50 12.06
C SER A 541 -16.69 9.90 12.49
N GLY A 542 -16.41 10.76 11.51
CA GLY A 542 -16.07 12.17 11.77
C GLY A 542 -17.12 12.86 12.62
N LEU A 543 -18.38 12.72 12.20
CA LEU A 543 -19.56 13.32 12.89
C LEU A 543 -19.73 12.58 14.21
N LEU A 544 -19.52 11.26 14.26
CA LEU A 544 -19.59 10.66 15.61
C LEU A 544 -18.58 11.37 16.49
N THR A 545 -17.37 11.63 16.00
CA THR A 545 -16.28 12.22 16.83
C THR A 545 -16.75 13.61 17.28
N LEU A 546 -16.97 14.55 16.37
CA LEU A 546 -17.59 15.86 16.67
C LEU A 546 -18.78 15.77 17.67
N THR A 547 -19.72 14.84 17.54
CA THR A 547 -20.93 14.89 18.39
C THR A 547 -20.65 14.35 19.78
N VAL A 548 -20.03 13.18 19.91
CA VAL A 548 -19.70 12.71 21.29
C VAL A 548 -18.85 13.83 21.87
N SER A 549 -17.95 14.41 21.08
CA SER A 549 -17.02 15.43 21.58
C SER A 549 -17.82 16.57 22.20
N LEU A 550 -18.81 17.12 21.50
CA LEU A 550 -19.42 18.39 21.95
C LEU A 550 -20.46 18.13 23.05
N CYS A 551 -20.78 16.87 23.39
CA CYS A 551 -21.68 16.53 24.52
C CYS A 551 -20.89 16.21 25.80
N THR A 552 -19.55 16.24 25.79
CA THR A 552 -18.68 15.97 26.97
C THR A 552 -17.84 17.22 27.28
N ALA A 553 -17.02 17.14 28.34
CA ALA A 553 -16.13 18.24 28.77
C ALA A 553 -15.02 18.44 27.75
N PRO A 554 -14.65 19.68 27.38
CA PRO A 554 -13.46 19.92 26.55
C PRO A 554 -12.12 19.64 27.27
N ILE A 555 -11.10 19.34 26.45
CA ILE A 555 -9.65 19.40 26.84
C ILE A 555 -9.31 20.87 27.08
N PRO A 556 -8.81 21.27 28.27
CA PRO A 556 -8.24 22.61 28.48
C PRO A 556 -7.09 22.98 27.53
N ARG A 557 -7.03 24.25 27.16
CA ARG A 557 -6.11 24.79 26.11
C ARG A 557 -4.64 24.57 26.52
N LYS A 558 -4.34 24.64 27.83
CA LYS A 558 -2.95 24.67 28.36
C LYS A 558 -2.19 23.40 27.95
N HIS A 559 -2.84 22.22 27.89
CA HIS A 559 -2.19 20.93 27.47
C HIS A 559 -2.67 20.56 26.08
N LEU A 560 -2.57 21.52 25.15
CA LEU A 560 -2.83 21.33 23.70
C LEU A 560 -1.79 22.00 22.83
N HIS A 561 -0.67 22.53 23.34
CA HIS A 561 0.21 23.45 22.57
C HIS A 561 1.17 22.63 21.70
N ARG A 562 1.38 23.05 20.45
CA ARG A 562 2.11 22.29 19.41
C ARG A 562 1.56 20.85 19.35
N LEU A 563 0.24 20.75 19.35
CA LEU A 563 -0.52 19.53 19.01
C LEU A 563 -1.56 19.86 17.96
N VAL A 564 -2.32 20.94 18.12
CA VAL A 564 -3.29 21.39 17.09
C VAL A 564 -2.62 22.41 16.16
N PHE A 565 -3.18 22.60 14.98
CA PHE A 565 -2.68 23.55 13.95
C PHE A 565 -2.88 24.97 14.47
N SER A 566 -3.99 25.25 15.15
CA SER A 566 -4.23 26.57 15.80
C SER A 566 -3.12 26.91 16.83
N LEU A 567 -2.39 25.94 17.41
CA LEU A 567 -1.38 26.18 18.49
C LEU A 567 0.00 25.58 18.13
N ARG A 568 0.48 25.66 16.89
CA ARG A 568 1.80 25.06 16.51
C ARG A 568 2.94 26.08 16.61
N HIS A 569 2.63 27.39 16.56
CA HIS A 569 3.61 28.49 16.67
C HIS A 569 3.42 29.22 18.01
N SER A 570 3.14 28.47 19.09
CA SER A 570 2.64 29.02 20.38
C SER A 570 3.81 29.47 21.27
N LYS A 571 4.90 28.69 21.33
CA LYS A 571 6.13 28.94 22.13
C LYS A 571 5.80 29.07 23.64
N GLU A 572 4.78 28.35 24.10
CA GLU A 572 4.26 28.32 25.51
C GLU A 572 4.42 26.90 26.05
N GLU A 573 5.02 26.76 27.24
CA GLU A 573 5.27 25.44 27.91
C GLU A 573 3.92 24.82 28.27
N ARG A 574 3.73 23.54 27.94
CA ARG A 574 2.46 22.79 28.16
C ARG A 574 2.71 21.61 29.09
N GLU A 575 1.67 21.21 29.82
CA GLU A 575 1.73 20.18 30.88
C GLU A 575 1.08 18.91 30.34
N ASP A 576 1.87 18.02 29.72
CA ASP A 576 1.42 16.95 28.79
C ASP A 576 0.40 16.00 29.45
N LEU A 577 -0.48 15.45 28.62
CA LEU A 577 -1.55 14.51 29.04
C LEU A 577 -0.99 13.11 29.33
N ASP A 578 0.05 12.68 28.60
CA ASP A 578 0.84 11.45 28.90
C ASP A 578 1.70 11.64 30.16
N ALA A 579 2.16 12.87 30.46
CA ALA A 579 2.95 13.22 31.68
C ALA A 579 2.14 12.93 32.95
N ASP A 580 0.81 13.10 32.93
CA ASP A 580 -0.13 12.64 34.02
C ASP A 580 0.08 11.15 34.33
N GLU A 581 0.32 10.32 33.31
CA GLU A 581 0.57 8.85 33.44
C GLU A 581 2.08 8.53 33.49
N GLN A 582 2.98 9.51 33.62
CA GLN A 582 4.44 9.32 33.85
C GLN A 582 4.83 9.63 35.30
N GLN A 583 4.04 10.41 36.06
CA GLN A 583 4.22 10.67 37.52
C GLN A 583 3.10 9.98 38.29
N LEU A 644 15.11 16.34 18.54
CA LEU A 644 14.68 16.62 17.13
C LEU A 644 13.31 17.32 17.15
N GLU A 645 13.29 18.57 17.63
CA GLU A 645 12.06 19.41 17.83
C GLU A 645 12.24 20.75 17.11
N ASP A 646 12.65 20.71 15.84
CA ASP A 646 12.99 21.90 15.00
C ASP A 646 12.23 21.82 13.66
N ILE A 647 11.64 22.93 13.22
CA ILE A 647 11.04 23.13 11.86
C ILE A 647 11.65 24.38 11.20
N SER A 648 12.88 24.77 11.58
CA SER A 648 13.63 25.89 10.95
C SER A 648 14.01 25.51 9.51
N GLU A 649 14.09 26.50 8.62
CA GLU A 649 14.53 26.36 7.20
C GLU A 649 15.19 27.66 6.73
N ASP A 650 16.20 27.54 5.86
CA ASP A 650 16.76 28.70 5.10
C ASP A 650 15.68 29.15 4.12
N PRO A 651 15.15 30.40 4.19
CA PRO A 651 14.10 30.85 3.26
C PRO A 651 14.46 30.84 1.76
N SER A 652 15.75 30.97 1.40
CA SER A 652 16.25 30.80 0.01
C SER A 652 16.04 29.35 -0.42
N TRP A 653 16.51 28.38 0.38
CA TRP A 653 16.26 26.93 0.12
C TRP A 653 14.75 26.59 0.24
N ALA A 654 13.99 27.26 1.10
CA ALA A 654 12.52 27.05 1.20
C ALA A 654 11.80 27.54 -0.06
N ARG A 655 12.21 28.67 -0.62
CA ARG A 655 11.67 29.16 -1.93
C ARG A 655 11.98 28.11 -3.03
N VAL A 656 13.20 27.57 -3.03
CA VAL A 656 13.67 26.49 -3.95
C VAL A 656 12.76 25.27 -3.83
N VAL A 657 12.52 24.80 -2.61
CA VAL A 657 11.72 23.55 -2.39
C VAL A 657 10.26 23.78 -2.77
N ASN A 658 9.63 24.89 -2.35
CA ASN A 658 8.22 25.20 -2.77
C ASN A 658 8.10 25.33 -4.32
N LEU A 659 9.05 25.94 -5.01
CA LEU A 659 9.10 25.94 -6.49
C LEU A 659 9.15 24.52 -7.03
N ASN A 660 9.95 23.66 -6.43
CA ASN A 660 10.19 22.35 -7.07
C ASN A 660 8.95 21.48 -6.88
N ALA A 661 8.26 21.59 -5.74
CA ALA A 661 6.95 20.92 -5.53
C ALA A 661 5.92 21.39 -6.57
N LEU A 662 5.84 22.68 -6.89
CA LEU A 662 4.81 23.20 -7.82
C LEU A 662 5.16 22.78 -9.25
N LEU A 663 6.44 22.75 -9.62
CA LEU A 663 6.86 22.23 -10.95
C LEU A 663 6.52 20.75 -11.07
N MET A 664 6.88 19.96 -10.06
CA MET A 664 6.61 18.49 -10.05
C MET A 664 5.11 18.24 -10.17
N MET A 665 4.28 19.01 -9.49
CA MET A 665 2.83 18.79 -9.48
C MET A 665 2.30 19.17 -10.85
N ALA A 666 2.81 20.23 -11.48
CA ALA A 666 2.37 20.57 -12.84
C ALA A 666 2.73 19.42 -13.81
N VAL A 667 3.91 18.83 -13.66
CA VAL A 667 4.39 17.70 -14.52
C VAL A 667 3.48 16.49 -14.31
N ALA A 668 3.19 16.17 -13.07
CA ALA A 668 2.28 15.08 -12.67
C ALA A 668 0.91 15.26 -13.36
N VAL A 669 0.35 16.45 -13.24
CA VAL A 669 -1.00 16.81 -13.72
C VAL A 669 -0.97 16.70 -15.22
N PHE A 670 0.15 16.98 -15.88
CA PHE A 670 0.10 16.94 -17.37
C PHE A 670 0.05 15.48 -17.77
N LEU A 671 0.84 14.63 -17.07
CA LEU A 671 0.86 13.17 -17.33
C LEU A 671 -0.53 12.60 -17.01
N TRP A 672 -1.20 13.09 -15.99
CA TRP A 672 -2.60 12.69 -15.71
C TRP A 672 -3.52 13.15 -16.83
N GLY A 673 -3.44 14.39 -17.25
CA GLY A 673 -4.29 14.91 -18.34
C GLY A 673 -4.14 14.14 -19.65
N PHE A 674 -2.94 13.68 -19.93
CA PHE A 674 -2.62 12.89 -21.15
C PHE A 674 -3.35 11.53 -21.20
N TYR A 675 -3.46 10.89 -20.06
CA TYR A 675 -3.95 9.50 -19.91
C TYR A 675 -5.32 9.57 -19.27
N ALA A 676 -5.94 10.75 -19.14
CA ALA A 676 -7.37 10.81 -18.78
C ALA A 676 -8.24 10.45 -20.01
N GLN B 28 -7.08 15.11 -29.18
CA GLN B 28 -5.61 14.68 -29.07
C GLN B 28 -5.30 14.52 -27.57
N PRO B 29 -4.32 13.69 -27.11
CA PRO B 29 -3.98 13.60 -25.69
C PRO B 29 -3.15 14.74 -25.11
N TRP B 30 -2.32 15.40 -25.92
CA TRP B 30 -1.42 16.47 -25.39
C TRP B 30 -2.23 17.76 -25.22
N MET B 31 -3.25 18.00 -26.02
CA MET B 31 -4.26 19.06 -25.72
C MET B 31 -4.87 18.78 -24.36
N GLN B 32 -5.19 17.52 -24.08
CA GLN B 32 -5.88 17.11 -22.84
C GLN B 32 -4.93 17.36 -21.66
N GLY B 33 -3.64 17.09 -21.84
CA GLY B 33 -2.61 17.37 -20.82
C GLY B 33 -2.46 18.86 -20.52
N LEU B 34 -2.41 19.68 -21.56
CA LEU B 34 -2.24 21.15 -21.39
C LEU B 34 -3.49 21.73 -20.71
N ILE B 35 -4.66 21.22 -21.05
CA ILE B 35 -5.93 21.61 -20.35
C ILE B 35 -5.80 21.30 -18.85
N ALA B 36 -5.26 20.14 -18.50
CA ALA B 36 -5.21 19.67 -17.10
C ALA B 36 -4.29 20.56 -16.31
N VAL B 37 -3.09 20.83 -16.84
CA VAL B 37 -2.12 21.71 -16.13
C VAL B 37 -2.66 23.15 -16.08
N ALA B 38 -3.39 23.61 -17.10
CA ALA B 38 -3.95 24.98 -17.11
C ALA B 38 -4.96 25.14 -15.97
N VAL B 39 -5.89 24.19 -15.86
CA VAL B 39 -6.84 24.09 -14.71
C VAL B 39 -6.07 24.10 -13.38
N PHE B 40 -4.99 23.35 -13.26
CA PHE B 40 -4.25 23.18 -11.97
C PHE B 40 -3.57 24.49 -11.59
N LEU B 41 -2.98 25.19 -12.56
CA LEU B 41 -2.33 26.50 -12.27
C LEU B 41 -3.40 27.49 -11.81
N VAL B 42 -4.59 27.48 -12.40
CA VAL B 42 -5.76 28.28 -11.95
C VAL B 42 -6.09 27.86 -10.51
N LEU B 43 -6.05 26.57 -10.19
CA LEU B 43 -6.35 26.06 -8.83
C LEU B 43 -5.35 26.63 -7.82
N VAL B 44 -4.08 26.68 -8.19
CA VAL B 44 -3.01 27.23 -7.30
C VAL B 44 -3.24 28.75 -7.17
N ALA B 45 -3.68 29.42 -8.24
CA ALA B 45 -3.99 30.87 -8.20
C ALA B 45 -5.15 31.14 -7.23
N ILE B 46 -6.16 30.26 -7.17
CA ILE B 46 -7.27 30.36 -6.18
C ILE B 46 -6.69 30.19 -4.77
N ALA B 47 -5.78 29.22 -4.57
CA ALA B 47 -5.14 28.95 -3.26
C ALA B 47 -4.30 30.17 -2.80
N PHE B 48 -3.49 30.75 -3.71
CA PHE B 48 -2.60 31.92 -3.42
C PHE B 48 -3.42 33.18 -3.15
N ALA B 49 -4.53 33.35 -3.86
CA ALA B 49 -5.48 34.45 -3.60
C ALA B 49 -6.09 34.26 -2.20
N VAL B 50 -6.43 33.03 -1.80
CA VAL B 50 -6.99 32.72 -0.45
C VAL B 50 -5.94 33.08 0.62
N ASN B 51 -4.70 32.63 0.44
CA ASN B 51 -3.56 32.88 1.37
C ASN B 51 -3.25 34.40 1.48
N HIS B 52 -3.25 35.16 0.38
CA HIS B 52 -2.96 36.62 0.35
C HIS B 52 -4.11 37.42 0.99
N PHE B 53 -5.36 37.13 0.62
CA PHE B 53 -6.55 38.01 0.80
C PHE B 53 -7.30 37.60 2.08
N TRP B 54 -7.65 36.31 2.24
CA TRP B 54 -8.47 35.79 3.38
C TRP B 54 -7.60 35.18 4.49
N CYS B 55 -6.26 35.18 4.38
CA CYS B 55 -5.35 34.55 5.39
C CYS B 55 -4.07 35.38 5.60
N GLN B 56 -4.22 36.70 5.81
CA GLN B 56 -3.11 37.64 6.11
C GLN B 56 -2.55 37.32 7.52
C1 NAG C . -24.28 -20.73 -28.12
C2 NAG C . -23.22 -20.55 -29.21
C3 NAG C . -23.69 -21.26 -30.50
C4 NAG C . -24.10 -22.71 -30.26
C5 NAG C . -25.00 -22.87 -29.01
C6 NAG C . -25.19 -24.34 -28.61
C7 NAG C . -23.58 -18.14 -29.91
C8 NAG C . -22.88 -16.83 -30.12
N2 NAG C . -22.81 -19.16 -29.49
O3 NAG C . -22.63 -21.24 -31.48
O4 NAG C . -24.77 -23.20 -31.44
O5 NAG C . -24.50 -22.13 -27.90
O6 NAG C . -25.09 -24.56 -27.19
O7 NAG C . -24.78 -18.23 -30.13
C1 LN9 D . 17.59 2.51 0.64
C2 LN9 D . 18.28 3.45 -0.11
C3 LN9 D . 18.27 3.37 -1.50
C4 LN9 D . 17.58 2.35 -2.14
C5 LN9 D . 16.91 1.41 -1.36
C6 LN9 D . 16.90 1.47 0.03
C7 LN9 D . 16.16 0.45 0.83
C8 LN9 D . 14.86 0.06 0.16
C9 LN9 D . 13.84 -0.71 0.94
O1 LN9 D . 13.52 -1.80 0.50
C10 LN9 D . 13.23 -0.17 2.17
C11 LN9 D . 13.29 1.19 2.55
C12 LN9 D . 12.71 1.67 3.71
C13 LN9 D . 12.00 0.81 4.52
C14 LN9 D . 11.89 -0.52 4.21
C15 LN9 D . 12.48 -1.01 3.06
O2 LN9 D . 12.31 -2.36 2.89
C16 LN9 D . 11.10 -3.00 2.55
C17 LN9 D . 10.16 -3.18 3.74
C18 LN9 D . 9.01 -4.02 3.26
C19 LN9 D . 8.34 -3.32 2.10
C20 LN9 D . 9.38 -3.24 1.02
O3 LN9 D . 10.38 -2.34 1.51
C21 LN9 D . 8.93 -2.73 -0.28
O4 LN9 D . 10.07 -2.70 -1.14
O5 LN9 D . 7.21 -4.05 1.62
O6 LN9 D . 8.09 -4.32 4.31
O7 LN9 D . 10.84 -3.79 4.82
O8 LN9 D . 11.41 1.27 5.65
O9 LN9 D . 13.92 2.15 1.87
O10 LN9 D . 18.94 4.29 -2.24
#